data_3C75
#
_entry.id   3C75
#
_cell.length_a   55.573
_cell.length_b   131.038
_cell.length_c   171.689
_cell.angle_alpha   90.00
_cell.angle_beta   90.00
_cell.angle_gamma   90.00
#
_symmetry.space_group_name_H-M   'P 21 21 21'
#
loop_
_entity.id
_entity.type
_entity.pdbx_description
1 polymer 'Methylamine dehydrogenase heavy chain'
2 polymer 'Methylamine dehydrogenase light chain'
3 polymer Amicyanin
4 non-polymer 'COPPER (II) ION'
5 water water
#
loop_
_entity_poly.entity_id
_entity_poly.type
_entity_poly.pdbx_seq_one_letter_code
_entity_poly.pdbx_strand_id
1 'polypeptide(L)'
;MASARESTPRYLTLIGATLACSALALGAAQAQTEPAEPEAPAETAAADAAGQTEGQRGAAEAAAALAAGEADEPVILEAP
APDARRVYIQDPAHFAAITQQFVIDGSTGRILGMTDGGFLPHPVAAEDGSFFAQASTVFERIARGKRTDYVEVFDPVTFL
PIADIELPDAPRFLVGTYQWMNALTPDNKNLLFYQFSPAPAVGVVDLEGKTFDRMLDVPDCYHIFPASPTVFYMNCRDGS
LARVDFADGETKVTNTEVFHTEDELLINHPAFSLRSGRLVWPTYTGKIFQADLTAEGATFRAPIEALTEAERADDWRPGG
WQQTAYHRQSDRIYLLVDQRDEWKHKAASRFVVVLNAETGERINKIELGHEIDSINVSQDAEPLLYALSAGTQTLHIYDA
ATGEELRSVDQLGRGPQIITTHDMDS
;
H,J
2 'polypeptide(L)'
;MLGNFRFDDMVEKLSRRVAGRTSRRGAIGRLGTVLAGAALVPLLPVDRRGRVSRANAAGPAEGVDPRAKWQPQDNDIQAC
DYWRHCSIDGNICDCSGGSLTNCPPGTKLATAS(TRQ)VASCYNPTDGQSYLIAYRDCCGYNVSGRCPCLNTEGELPVYR
PEFANDIIWCFGAEDDAMTYHCTISPIVGKAS
;
L,M
3 'polypeptide(L)'
;MISAKTLRPAIAAIALFAIGATGAWAQDKITVTSEKPVAAADVPADAVVVGIEKMKYLTPEVTIKAGETVYWVNGEVMPH
NVAFKKGIVGEDAFRGEMMTKDQAYAITFNEAGSYDYFCTPHPFMRGKVIVE
;
A,B
#
loop_
_chem_comp.id
_chem_comp.type
_chem_comp.name
_chem_comp.formula
CU non-polymer 'COPPER (II) ION' 'Cu 2'
#
# COMPACT_ATOMS: atom_id res chain seq x y z
N GLN A 52 -0.25 -17.74 -30.13
CA GLN A 52 -0.06 -18.40 -28.81
C GLN A 52 0.13 -17.40 -27.69
N THR A 53 -0.57 -17.65 -26.59
CA THR A 53 -0.50 -16.81 -25.42
C THR A 53 0.79 -17.04 -24.59
N GLU A 54 1.00 -16.14 -23.63
CA GLU A 54 2.14 -16.17 -22.72
C GLU A 54 2.00 -17.37 -21.78
N GLY A 55 0.83 -17.50 -21.18
CA GLY A 55 0.59 -18.60 -20.28
C GLY A 55 0.43 -19.90 -21.03
N GLN A 56 0.20 -19.81 -22.33
CA GLN A 56 0.05 -21.01 -23.12
C GLN A 56 1.41 -21.53 -23.44
N ARG A 57 2.28 -20.63 -23.88
CA ARG A 57 3.65 -20.97 -24.23
C ARG A 57 4.29 -21.55 -22.97
N GLY A 58 4.02 -20.93 -21.83
CA GLY A 58 4.59 -21.42 -20.59
C GLY A 58 4.15 -22.84 -20.26
N ALA A 59 2.86 -23.12 -20.48
CA ALA A 59 2.30 -24.44 -20.21
C ALA A 59 2.95 -25.53 -21.07
N ALA A 60 2.97 -25.30 -22.38
CA ALA A 60 3.58 -26.22 -23.32
C ALA A 60 5.01 -26.47 -22.86
N GLU A 61 5.72 -25.39 -22.53
CA GLU A 61 7.11 -25.48 -22.07
C GLU A 61 7.28 -26.42 -20.89
N ALA A 62 6.41 -26.28 -19.90
CA ALA A 62 6.47 -27.10 -18.70
C ALA A 62 6.03 -28.52 -18.95
N ALA A 63 4.98 -28.68 -19.76
CA ALA A 63 4.44 -30.01 -20.08
C ALA A 63 5.55 -30.88 -20.66
N ALA A 64 6.40 -30.27 -21.48
CA ALA A 64 7.53 -30.96 -22.10
C ALA A 64 8.63 -31.35 -21.09
N ALA A 65 9.06 -30.37 -20.28
CA ALA A 65 10.09 -30.59 -19.27
C ALA A 65 9.69 -31.80 -18.43
N LEU A 66 8.38 -31.92 -18.24
CA LEU A 66 7.77 -32.99 -17.48
C LEU A 66 7.85 -34.30 -18.25
N ALA A 67 7.60 -34.25 -19.56
CA ALA A 67 7.67 -35.46 -20.38
C ALA A 67 9.08 -36.03 -20.29
N ALA A 68 10.09 -35.16 -20.40
CA ALA A 68 11.45 -35.64 -20.28
C ALA A 68 11.69 -35.79 -18.79
N GLY A 69 12.94 -35.91 -18.36
CA GLY A 69 13.20 -36.06 -16.94
C GLY A 69 12.96 -34.70 -16.31
N GLU A 70 13.81 -33.78 -16.72
CA GLU A 70 13.79 -32.38 -16.32
C GLU A 70 13.00 -31.94 -15.08
N ALA A 71 13.63 -32.05 -13.92
CA ALA A 71 13.04 -31.66 -12.65
C ALA A 71 12.93 -30.12 -12.54
N ASP A 72 12.19 -29.63 -11.53
CA ASP A 72 12.02 -28.20 -11.32
C ASP A 72 12.98 -27.74 -10.24
N GLU A 73 13.94 -26.89 -10.61
CA GLU A 73 14.94 -26.35 -9.70
C GLU A 73 14.76 -24.86 -9.48
N PRO A 74 13.68 -24.46 -8.78
CA PRO A 74 13.35 -23.05 -8.49
C PRO A 74 14.54 -22.15 -8.26
N VAL A 75 14.57 -21.07 -9.02
CA VAL A 75 15.67 -20.14 -8.91
C VAL A 75 15.14 -18.75 -9.10
N ILE A 76 15.95 -17.76 -8.74
CA ILE A 76 15.64 -16.31 -8.90
C ILE A 76 16.12 -15.85 -10.30
N LEU A 77 15.22 -15.25 -11.06
CA LEU A 77 15.57 -14.82 -12.41
C LEU A 77 16.36 -13.55 -12.47
N GLU A 78 16.80 -13.23 -13.69
CA GLU A 78 17.49 -12.00 -14.02
C GLU A 78 16.72 -11.53 -15.25
N ALA A 79 16.59 -10.22 -15.40
CA ALA A 79 15.85 -9.68 -16.55
C ALA A 79 16.77 -9.61 -17.76
N PRO A 80 16.22 -9.82 -18.96
CA PRO A 80 17.07 -9.75 -20.14
C PRO A 80 17.85 -8.43 -20.13
N ALA A 81 18.82 -8.25 -21.02
CA ALA A 81 19.56 -7.01 -21.00
C ALA A 81 18.67 -5.84 -21.43
N PRO A 82 18.94 -4.64 -20.90
CA PRO A 82 18.15 -3.46 -21.26
C PRO A 82 18.26 -3.23 -22.76
N ASP A 83 17.17 -2.80 -23.39
CA ASP A 83 17.22 -2.52 -24.81
C ASP A 83 16.30 -1.32 -25.06
N ALA A 84 16.31 -0.80 -26.28
CA ALA A 84 15.49 0.35 -26.64
C ALA A 84 13.98 0.06 -26.63
N ARG A 85 13.61 -1.18 -26.34
CA ARG A 85 12.20 -1.57 -26.32
C ARG A 85 11.65 -1.81 -24.93
N ARG A 86 12.48 -1.63 -23.91
CA ARG A 86 12.03 -1.79 -22.54
C ARG A 86 11.27 -0.51 -22.07
N VAL A 87 10.19 -0.69 -21.30
CA VAL A 87 9.46 0.46 -20.80
C VAL A 87 9.12 0.32 -19.31
N TYR A 88 9.10 1.43 -18.59
CA TYR A 88 8.78 1.40 -17.15
C TYR A 88 7.46 2.12 -16.88
N ILE A 89 6.62 1.50 -16.07
CA ILE A 89 5.31 2.05 -15.71
C ILE A 89 5.22 2.29 -14.22
N GLN A 90 5.53 3.53 -13.82
CA GLN A 90 5.45 3.91 -12.42
C GLN A 90 3.97 4.01 -12.13
N ASP A 91 3.58 3.77 -10.89
CA ASP A 91 2.18 3.84 -10.55
C ASP A 91 1.99 4.56 -9.22
N PRO A 92 1.71 5.88 -9.28
CA PRO A 92 1.50 6.72 -8.10
C PRO A 92 0.35 6.21 -7.26
N ALA A 93 -0.53 5.44 -7.90
CA ALA A 93 -1.66 4.80 -7.25
C ALA A 93 -2.58 5.77 -6.52
N HIS A 94 -2.81 6.95 -7.10
CA HIS A 94 -3.67 7.95 -6.48
C HIS A 94 -3.29 8.33 -5.07
N PHE A 95 -2.03 8.68 -4.87
CA PHE A 95 -1.51 9.10 -3.55
C PHE A 95 -1.46 8.05 -2.49
N ALA A 96 -1.24 6.78 -2.85
CA ALA A 96 -1.13 5.69 -1.86
C ALA A 96 0.26 5.86 -1.18
N ALA A 97 0.44 5.38 0.04
CA ALA A 97 1.72 5.60 0.71
C ALA A 97 2.86 4.79 0.15
N ILE A 98 2.55 3.71 -0.55
CA ILE A 98 3.58 2.90 -1.19
C ILE A 98 3.08 2.69 -2.60
N THR A 99 3.99 2.35 -3.49
CA THR A 99 3.64 2.23 -4.89
C THR A 99 4.49 1.23 -5.63
N GLN A 100 4.13 0.97 -6.88
CA GLN A 100 4.89 0.02 -7.69
C GLN A 100 5.19 0.56 -9.06
N GLN A 101 6.22 -0.01 -9.68
CA GLN A 101 6.65 0.32 -11.03
C GLN A 101 6.88 -1.00 -11.75
N PHE A 102 6.37 -1.11 -12.97
CA PHE A 102 6.53 -2.35 -13.71
C PHE A 102 7.51 -2.21 -14.84
N VAL A 103 8.40 -3.18 -15.01
CA VAL A 103 9.38 -3.12 -16.09
C VAL A 103 8.90 -4.08 -17.17
N ILE A 104 8.61 -3.55 -18.35
CA ILE A 104 8.04 -4.34 -19.47
C ILE A 104 8.81 -4.40 -20.80
N ASP A 105 8.89 -5.57 -21.42
CA ASP A 105 9.52 -5.62 -22.74
C ASP A 105 8.45 -5.16 -23.73
N GLY A 106 8.66 -3.99 -24.31
CA GLY A 106 7.67 -3.48 -25.25
C GLY A 106 7.43 -4.28 -26.51
N SER A 107 8.45 -4.98 -27.01
CA SER A 107 8.31 -5.73 -28.25
C SER A 107 7.32 -6.88 -28.09
N THR A 108 7.15 -7.34 -26.86
CA THR A 108 6.25 -8.47 -26.60
C THR A 108 5.16 -8.25 -25.53
N GLY A 109 5.30 -7.20 -24.74
CA GLY A 109 4.33 -6.93 -23.69
C GLY A 109 4.53 -7.80 -22.45
N ARG A 110 5.70 -8.45 -22.32
CA ARG A 110 5.98 -9.31 -21.16
C ARG A 110 6.68 -8.58 -20.05
N ILE A 111 6.16 -8.76 -18.84
CA ILE A 111 6.74 -8.12 -17.66
C ILE A 111 8.06 -8.82 -17.30
N LEU A 112 9.10 -8.03 -17.19
CA LEU A 112 10.42 -8.57 -16.85
C LEU A 112 10.62 -8.63 -15.36
N GLY A 113 10.05 -7.66 -14.66
CA GLY A 113 10.17 -7.59 -13.21
C GLY A 113 9.44 -6.36 -12.70
N MET A 114 9.60 -6.06 -11.41
CA MET A 114 8.97 -4.91 -10.79
C MET A 114 9.89 -4.23 -9.79
N THR A 115 9.42 -3.11 -9.27
CA THR A 115 10.14 -2.34 -8.31
C THR A 115 9.16 -1.70 -7.30
N ASP A 116 9.54 -1.77 -6.03
CA ASP A 116 8.72 -1.19 -4.98
C ASP A 116 9.28 0.20 -4.66
N GLY A 117 8.39 1.17 -4.45
CA GLY A 117 8.74 2.54 -4.13
C GLY A 117 7.77 3.04 -3.07
N GLY A 118 8.06 4.18 -2.47
CA GLY A 118 7.20 4.67 -1.41
C GLY A 118 6.15 5.66 -1.83
N PHE A 119 6.21 6.85 -1.24
CA PHE A 119 5.24 7.91 -1.48
C PHE A 119 5.58 8.82 -2.66
N LEU A 120 4.75 8.77 -3.70
CA LEU A 120 4.94 9.59 -4.90
C LEU A 120 6.38 9.65 -5.35
N PRO A 121 7.04 8.50 -5.50
CA PRO A 121 8.44 8.46 -5.92
C PRO A 121 8.60 8.91 -7.36
N HIS A 122 9.84 9.22 -7.70
CA HIS A 122 10.15 9.68 -9.03
C HIS A 122 11.13 8.76 -9.75
N PRO A 123 10.73 8.22 -10.91
CA PRO A 123 11.66 7.33 -11.60
C PRO A 123 12.53 8.02 -12.65
N VAL A 124 13.70 7.45 -12.92
CA VAL A 124 14.59 7.97 -13.94
C VAL A 124 15.32 6.77 -14.54
N ALA A 125 15.81 6.89 -15.77
CA ALA A 125 16.58 5.79 -16.39
C ALA A 125 17.73 6.29 -17.31
N ALA A 126 18.98 6.02 -16.90
CA ALA A 126 20.15 6.44 -17.67
C ALA A 126 19.93 6.02 -19.10
N GLU A 127 19.88 6.97 -20.01
CA GLU A 127 19.61 6.66 -21.41
C GLU A 127 20.38 5.50 -22.02
N ASP A 128 21.61 5.27 -21.57
CA ASP A 128 22.39 4.15 -22.12
C ASP A 128 22.08 2.79 -21.48
N GLY A 129 21.17 2.77 -20.51
CA GLY A 129 20.74 1.52 -19.88
C GLY A 129 21.62 0.90 -18.84
N SER A 130 22.59 1.67 -18.35
CA SER A 130 23.50 1.14 -17.34
C SER A 130 22.74 0.95 -16.04
N PHE A 131 21.55 1.54 -15.94
CA PHE A 131 20.75 1.40 -14.71
C PHE A 131 19.51 2.23 -14.72
N PHE A 132 18.71 2.11 -13.68
CA PHE A 132 17.52 2.94 -13.51
C PHE A 132 17.41 3.22 -12.02
N ALA A 133 16.88 4.38 -11.64
CA ALA A 133 16.79 4.69 -10.22
C ALA A 133 15.46 5.27 -9.83
N GLN A 134 15.39 5.83 -8.64
CA GLN A 134 14.16 6.47 -8.19
C GLN A 134 14.46 7.26 -6.93
N ALA A 135 13.64 8.29 -6.67
CA ALA A 135 13.77 9.08 -5.44
C ALA A 135 12.49 8.74 -4.71
N SER A 136 12.59 8.15 -3.53
CA SER A 136 11.40 7.75 -2.79
C SER A 136 11.31 8.30 -1.37
N THR A 137 10.13 8.12 -0.76
CA THR A 137 9.85 8.57 0.61
C THR A 137 9.10 7.49 1.45
N VAL A 138 9.61 7.19 2.65
CA VAL A 138 8.96 6.23 3.54
C VAL A 138 8.69 6.86 4.91
N PHE A 139 7.91 6.17 5.74
CA PHE A 139 7.60 6.69 7.05
C PHE A 139 7.79 5.65 8.14
N GLU A 140 7.90 6.08 9.38
CA GLU A 140 8.14 5.14 10.46
C GLU A 140 6.98 4.16 10.65
N ARG A 141 5.78 4.69 10.57
CA ARG A 141 4.59 3.90 10.76
C ARG A 141 3.68 4.05 9.55
N ILE A 142 3.94 3.30 8.49
CA ILE A 142 3.15 3.37 7.26
C ILE A 142 3.04 4.78 6.66
N ALA A 143 2.08 5.57 7.14
CA ALA A 143 1.94 6.90 6.57
C ALA A 143 2.30 7.96 7.57
N ARG A 144 2.66 7.59 8.81
CA ARG A 144 3.06 8.61 9.79
C ARG A 144 4.37 8.37 10.58
N GLY A 145 4.92 9.46 11.12
CA GLY A 145 6.15 9.39 11.90
C GLY A 145 7.36 9.77 11.09
N LYS A 146 8.54 9.74 11.73
CA LYS A 146 9.83 10.07 11.09
C LYS A 146 9.81 9.77 9.59
N ARG A 147 10.03 10.82 8.80
CA ARG A 147 10.05 10.69 7.34
C ARG A 147 11.47 10.47 6.83
N THR A 148 11.59 9.73 5.73
CA THR A 148 12.88 9.46 5.15
C THR A 148 12.72 9.57 3.65
N ASP A 149 13.50 10.46 3.02
CA ASP A 149 13.50 10.59 1.58
C ASP A 149 14.84 9.97 1.21
N TYR A 150 14.88 9.26 0.09
CA TYR A 150 16.12 8.61 -0.33
C TYR A 150 16.13 8.33 -1.81
N VAL A 151 17.30 7.98 -2.33
CA VAL A 151 17.45 7.63 -3.73
C VAL A 151 18.01 6.23 -3.81
N GLU A 152 17.49 5.48 -4.77
CA GLU A 152 17.94 4.12 -5.00
C GLU A 152 18.33 3.93 -6.44
N VAL A 153 19.40 3.20 -6.64
CA VAL A 153 19.87 2.88 -7.98
C VAL A 153 19.83 1.35 -8.10
N PHE A 154 19.16 0.88 -9.16
CA PHE A 154 18.96 -0.55 -9.39
C PHE A 154 19.78 -1.10 -10.53
N ASP A 155 20.50 -2.21 -10.30
CA ASP A 155 21.26 -2.87 -11.36
C ASP A 155 20.18 -3.11 -12.39
N PRO A 156 20.48 -2.88 -13.67
CA PRO A 156 19.48 -3.06 -14.74
C PRO A 156 18.99 -4.46 -15.11
N VAL A 157 19.69 -5.51 -14.64
CA VAL A 157 19.33 -6.93 -14.93
C VAL A 157 18.96 -7.74 -13.71
N THR A 158 19.54 -7.41 -12.55
CA THR A 158 19.23 -8.11 -11.30
C THR A 158 18.19 -7.31 -10.49
N PHE A 159 17.96 -6.06 -10.86
CA PHE A 159 16.98 -5.22 -10.15
C PHE A 159 17.30 -5.08 -8.69
N LEU A 160 18.50 -5.50 -8.29
CA LEU A 160 18.92 -5.37 -6.91
C LEU A 160 19.36 -3.92 -6.65
N PRO A 161 18.99 -3.35 -5.49
CA PRO A 161 19.33 -1.98 -5.10
C PRO A 161 20.84 -1.81 -4.87
N ILE A 162 21.60 -1.35 -5.86
CA ILE A 162 23.03 -1.20 -5.63
C ILE A 162 23.43 0.08 -4.92
N ALA A 163 22.45 0.90 -4.57
CA ALA A 163 22.69 2.15 -3.84
C ALA A 163 21.42 2.71 -3.18
N ASP A 164 21.56 3.10 -1.92
CA ASP A 164 20.44 3.63 -1.14
C ASP A 164 21.01 4.83 -0.39
N ILE A 165 20.81 6.01 -1.00
CA ILE A 165 21.30 7.29 -0.49
C ILE A 165 20.22 8.17 0.13
N GLU A 166 20.34 8.41 1.42
CA GLU A 166 19.39 9.21 2.12
C GLU A 166 19.55 10.68 1.78
N LEU A 167 18.41 11.37 1.68
CA LEU A 167 18.37 12.80 1.37
C LEU A 167 18.10 13.55 2.69
N PRO A 168 19.05 14.39 3.11
CA PRO A 168 18.90 15.15 4.36
C PRO A 168 17.70 16.07 4.45
N ASP A 169 17.03 16.03 5.59
CA ASP A 169 15.87 16.89 5.85
C ASP A 169 14.70 16.69 4.91
N ALA A 170 14.35 15.45 4.59
CA ALA A 170 13.22 15.15 3.72
C ALA A 170 12.93 16.31 2.79
N PRO A 171 13.80 16.49 1.79
CA PRO A 171 13.62 17.59 0.87
C PRO A 171 12.80 17.34 -0.43
N ARG A 172 12.21 16.17 -0.58
CA ARG A 172 11.46 15.93 -1.83
C ARG A 172 10.16 16.70 -1.97
N PHE A 173 9.94 17.26 -3.16
CA PHE A 173 8.70 17.95 -3.45
C PHE A 173 7.63 16.83 -3.58
N LEU A 174 6.75 16.72 -2.59
CA LEU A 174 5.69 15.71 -2.63
C LEU A 174 4.61 16.27 -3.54
N VAL A 175 4.49 15.66 -4.73
CA VAL A 175 3.58 16.13 -5.76
C VAL A 175 3.28 15.07 -6.82
N GLY A 176 2.12 15.20 -7.47
CA GLY A 176 1.78 14.29 -8.55
C GLY A 176 3.04 14.25 -9.38
N THR A 177 3.34 13.10 -9.94
CA THR A 177 4.58 12.94 -10.69
C THR A 177 4.51 13.32 -12.17
N TYR A 178 5.41 14.24 -12.55
CA TYR A 178 5.58 14.73 -13.93
C TYR A 178 7.02 14.38 -14.37
N GLN A 179 7.07 13.66 -15.49
CA GLN A 179 8.28 13.17 -16.14
C GLN A 179 9.62 13.86 -15.83
N TRP A 180 9.70 15.15 -16.14
CA TRP A 180 10.95 15.81 -15.90
C TRP A 180 11.13 16.67 -14.66
N MET A 181 10.39 16.36 -13.58
CA MET A 181 10.52 17.15 -12.37
C MET A 181 11.81 16.75 -11.66
N ASN A 182 12.41 15.68 -12.16
CA ASN A 182 13.67 15.19 -11.65
C ASN A 182 14.43 14.71 -12.86
N ALA A 183 15.75 14.72 -12.73
CA ALA A 183 16.59 14.24 -13.82
C ALA A 183 18.02 13.86 -13.43
N LEU A 184 18.60 13.03 -14.30
CA LEU A 184 19.96 12.53 -14.14
C LEU A 184 20.82 13.35 -15.11
N THR A 185 22.00 13.76 -14.66
CA THR A 185 22.92 14.51 -15.51
C THR A 185 23.18 13.59 -16.69
N PRO A 186 23.56 14.14 -17.84
CA PRO A 186 23.79 13.27 -19.01
C PRO A 186 24.94 12.27 -18.86
N ASP A 187 25.82 12.55 -17.92
CA ASP A 187 26.98 11.70 -17.67
C ASP A 187 26.62 10.66 -16.60
N ASN A 188 25.34 10.66 -16.20
CA ASN A 188 24.79 9.72 -15.22
C ASN A 188 25.52 9.71 -13.89
N LYS A 189 26.18 10.80 -13.52
CA LYS A 189 26.92 10.81 -12.26
C LYS A 189 26.15 11.46 -11.12
N ASN A 190 25.03 12.08 -11.46
CA ASN A 190 24.19 12.72 -10.46
C ASN A 190 22.72 12.61 -10.74
N LEU A 191 21.92 12.80 -9.70
CA LEU A 191 20.49 12.77 -9.87
C LEU A 191 20.07 14.11 -9.30
N LEU A 192 19.21 14.83 -10.01
CA LEU A 192 18.74 16.12 -9.55
C LEU A 192 17.24 16.08 -9.27
N PHE A 193 16.85 16.52 -8.07
CA PHE A 193 15.45 16.56 -7.71
C PHE A 193 15.13 17.95 -7.18
N TYR A 194 13.84 18.24 -7.11
CA TYR A 194 13.34 19.55 -6.67
C TYR A 194 12.72 19.55 -5.29
N GLN A 195 12.97 20.66 -4.58
CA GLN A 195 12.37 20.89 -3.26
C GLN A 195 11.44 22.09 -3.50
N PHE A 196 10.23 22.03 -2.96
CA PHE A 196 9.29 23.13 -3.15
C PHE A 196 9.26 24.05 -1.92
N SER A 197 8.92 23.50 -0.74
CA SER A 197 8.90 24.24 0.54
C SER A 197 10.14 23.77 1.31
N PRO A 198 10.73 24.64 2.14
CA PRO A 198 10.41 26.03 2.47
C PRO A 198 10.77 27.00 1.36
N ALA A 199 11.64 26.58 0.47
CA ALA A 199 12.07 27.45 -0.62
C ALA A 199 12.56 26.63 -1.80
N PRO A 200 12.46 27.18 -3.01
CA PRO A 200 12.90 26.49 -4.23
C PRO A 200 14.34 26.04 -4.09
N ALA A 201 14.63 24.78 -4.44
CA ALA A 201 15.99 24.26 -4.36
C ALA A 201 16.14 22.98 -5.14
N VAL A 202 17.35 22.73 -5.61
CA VAL A 202 17.61 21.51 -6.32
C VAL A 202 18.68 20.76 -5.59
N GLY A 203 18.37 19.49 -5.31
CA GLY A 203 19.28 18.60 -4.62
C GLY A 203 20.16 17.82 -5.57
N VAL A 204 21.45 17.75 -5.24
CA VAL A 204 22.40 17.00 -6.04
C VAL A 204 22.76 15.70 -5.35
N VAL A 205 22.47 14.60 -6.04
CA VAL A 205 22.76 13.28 -5.50
C VAL A 205 23.87 12.68 -6.35
N ASP A 206 24.99 12.39 -5.70
CA ASP A 206 26.17 11.82 -6.35
C ASP A 206 26.03 10.32 -6.50
N LEU A 207 25.74 9.86 -7.71
CA LEU A 207 25.53 8.42 -7.92
C LEU A 207 26.83 7.62 -8.00
N GLU A 208 27.90 8.28 -8.42
CA GLU A 208 29.19 7.62 -8.52
C GLU A 208 29.78 7.35 -7.13
N GLY A 209 29.72 8.38 -6.27
CA GLY A 209 30.25 8.22 -4.92
C GLY A 209 29.18 7.82 -3.93
N LYS A 210 28.01 7.51 -4.45
CA LYS A 210 26.88 7.09 -3.63
C LYS A 210 26.70 7.94 -2.38
N THR A 211 26.41 9.22 -2.58
CA THR A 211 26.19 10.12 -1.46
C THR A 211 25.46 11.41 -1.88
N PHE A 212 24.96 12.12 -0.87
CA PHE A 212 24.24 13.37 -1.10
C PHE A 212 25.24 14.53 -1.23
N ASP A 213 25.21 15.23 -2.35
CA ASP A 213 26.12 16.35 -2.58
C ASP A 213 25.70 17.58 -1.77
N ARG A 214 24.74 18.33 -2.28
CA ARG A 214 24.28 19.52 -1.59
C ARG A 214 23.01 20.02 -2.26
N MET A 215 22.45 21.08 -1.70
CA MET A 215 21.25 21.68 -2.27
C MET A 215 21.71 22.97 -2.95
N LEU A 216 21.14 23.21 -4.14
CA LEU A 216 21.43 24.39 -4.92
C LEU A 216 20.24 25.27 -4.73
N ASP A 217 20.48 26.55 -4.49
CA ASP A 217 19.42 27.50 -4.29
C ASP A 217 19.04 28.02 -5.65
N VAL A 218 17.77 28.00 -5.97
CA VAL A 218 17.35 28.44 -7.29
C VAL A 218 16.13 29.38 -7.15
N PRO A 219 15.76 30.06 -8.24
CA PRO A 219 14.63 30.98 -8.32
C PRO A 219 13.31 30.25 -8.30
N ASP A 220 12.22 31.01 -8.31
CA ASP A 220 10.87 30.43 -8.32
C ASP A 220 10.65 29.80 -9.70
N CYS A 221 11.24 28.60 -9.88
CA CYS A 221 11.18 27.82 -11.10
C CYS A 221 10.88 26.34 -10.77
N TYR A 222 10.36 25.62 -11.77
CA TYR A 222 9.99 24.22 -11.59
C TYR A 222 10.47 23.34 -12.74
N HIS A 223 10.63 22.04 -12.46
CA HIS A 223 11.13 21.05 -13.42
C HIS A 223 12.63 21.25 -13.58
N ILE A 224 13.31 20.23 -14.12
CA ILE A 224 14.75 20.23 -14.31
C ILE A 224 15.05 19.58 -15.65
N PHE A 225 15.87 20.22 -16.46
CA PHE A 225 16.22 19.71 -17.79
C PHE A 225 17.73 19.83 -18.03
N PRO A 226 18.51 18.77 -17.67
CA PRO A 226 19.97 18.84 -17.89
C PRO A 226 20.40 19.01 -19.35
N ALA A 227 21.57 19.61 -19.54
CA ALA A 227 22.09 19.83 -20.89
C ALA A 227 23.57 19.49 -20.89
N SER A 228 24.09 19.26 -19.69
CA SER A 228 25.49 18.96 -19.55
C SER A 228 25.75 18.56 -18.10
N PRO A 229 26.93 18.00 -17.80
CA PRO A 229 27.27 17.56 -16.45
C PRO A 229 26.97 18.54 -15.32
N THR A 230 27.02 19.83 -15.60
CA THR A 230 26.76 20.80 -14.55
C THR A 230 25.78 21.89 -14.88
N VAL A 231 25.01 21.68 -15.92
CA VAL A 231 24.05 22.69 -16.30
C VAL A 231 22.69 22.07 -16.65
N PHE A 232 21.64 22.66 -16.09
CA PHE A 232 20.26 22.24 -16.34
C PHE A 232 19.40 23.50 -16.32
N TYR A 233 18.20 23.37 -16.85
CA TYR A 233 17.28 24.49 -16.92
C TYR A 233 15.97 24.17 -16.20
N MET A 234 15.27 25.20 -15.74
CA MET A 234 13.97 25.07 -15.04
C MET A 234 12.97 26.08 -15.62
N ASN A 235 11.69 25.77 -15.57
CA ASN A 235 10.69 26.71 -16.07
C ASN A 235 10.27 27.60 -14.92
N CYS A 236 10.41 28.91 -15.08
CA CYS A 236 10.08 29.77 -13.95
C CYS A 236 8.69 30.43 -13.91
N ARG A 237 8.34 30.95 -12.73
CA ARG A 237 7.05 31.64 -12.56
C ARG A 237 6.97 32.91 -13.42
N ASP A 238 8.11 33.61 -13.53
CA ASP A 238 8.18 34.85 -14.32
C ASP A 238 8.02 34.73 -15.83
N GLY A 239 7.74 33.54 -16.34
CA GLY A 239 7.56 33.39 -17.77
C GLY A 239 8.81 32.98 -18.55
N SER A 240 9.95 32.88 -17.88
CA SER A 240 11.20 32.49 -18.54
C SER A 240 11.74 31.12 -18.09
N LEU A 241 12.97 30.81 -18.50
CA LEU A 241 13.65 29.59 -18.06
C LEU A 241 14.86 30.03 -17.24
N ALA A 242 15.24 29.22 -16.27
CA ALA A 242 16.43 29.54 -15.45
C ALA A 242 17.50 28.58 -15.88
N ARG A 243 18.72 29.09 -16.01
CA ARG A 243 19.86 28.24 -16.37
C ARG A 243 20.73 28.19 -15.12
N VAL A 244 20.89 27.01 -14.54
CA VAL A 244 21.70 26.87 -13.34
C VAL A 244 22.99 26.11 -13.58
N ASP A 245 24.11 26.74 -13.27
CA ASP A 245 25.36 26.02 -13.40
C ASP A 245 25.80 25.75 -11.99
N PHE A 246 25.99 24.48 -11.66
CA PHE A 246 26.39 24.09 -10.32
C PHE A 246 27.81 23.54 -10.24
N ALA A 247 28.63 23.86 -11.24
CA ALA A 247 30.00 23.37 -11.26
C ALA A 247 30.87 23.99 -10.17
N ASP A 248 31.94 23.27 -9.87
CA ASP A 248 32.92 23.69 -8.89
C ASP A 248 32.39 24.21 -7.56
N GLY A 249 31.56 23.39 -6.93
CA GLY A 249 31.03 23.76 -5.63
C GLY A 249 30.20 25.01 -5.53
N GLU A 250 29.78 25.59 -6.64
CA GLU A 250 28.94 26.77 -6.52
C GLU A 250 27.89 26.86 -7.60
N THR A 251 26.90 27.70 -7.36
CA THR A 251 25.79 27.86 -8.28
C THR A 251 25.61 29.30 -8.81
N LYS A 252 25.50 29.43 -10.13
CA LYS A 252 25.33 30.72 -10.80
C LYS A 252 24.08 30.65 -11.65
N VAL A 253 23.09 31.44 -11.28
CA VAL A 253 21.81 31.42 -11.98
C VAL A 253 21.57 32.51 -13.00
N THR A 254 20.96 32.13 -14.11
CA THR A 254 20.66 33.09 -15.14
C THR A 254 19.23 32.86 -15.58
N ASN A 255 18.68 33.84 -16.28
CA ASN A 255 17.32 33.76 -16.76
C ASN A 255 17.21 34.09 -18.22
N THR A 256 16.62 33.21 -19.01
CA THR A 256 16.48 33.55 -20.41
C THR A 256 15.38 34.56 -20.44
N GLU A 257 15.06 35.00 -21.65
CA GLU A 257 14.00 35.96 -21.88
C GLU A 257 12.66 35.23 -21.73
N VAL A 258 11.61 36.00 -21.43
CA VAL A 258 10.27 35.42 -21.31
C VAL A 258 9.86 34.90 -22.67
N PHE A 259 9.32 33.69 -22.72
CA PHE A 259 8.92 33.14 -24.01
C PHE A 259 7.43 32.84 -24.06
N HIS A 260 6.67 33.38 -23.11
CA HIS A 260 5.25 33.14 -23.09
C HIS A 260 4.55 34.06 -22.08
N THR A 261 3.25 34.25 -22.28
CA THR A 261 2.46 35.11 -21.43
C THR A 261 1.69 34.40 -20.30
N GLU A 262 1.18 35.18 -19.36
CA GLU A 262 0.43 34.63 -18.26
C GLU A 262 -0.86 33.99 -18.75
N ASP A 263 -1.20 34.25 -20.01
CA ASP A 263 -2.41 33.68 -20.60
C ASP A 263 -2.10 32.36 -21.24
N GLU A 264 -0.82 32.17 -21.54
CA GLU A 264 -0.30 30.95 -22.16
C GLU A 264 0.19 29.97 -21.09
N LEU A 265 -0.65 28.98 -20.80
CA LEU A 265 -0.36 27.96 -19.78
C LEU A 265 0.42 26.75 -20.27
N LEU A 266 1.67 26.66 -19.84
CA LEU A 266 2.55 25.55 -20.18
C LEU A 266 2.05 24.42 -19.31
N ILE A 267 1.79 23.24 -19.89
CA ILE A 267 1.31 22.09 -19.08
C ILE A 267 2.38 21.56 -18.15
N ASN A 268 1.98 20.65 -17.27
CA ASN A 268 2.95 20.10 -16.35
C ASN A 268 3.74 18.97 -17.00
N HIS A 269 3.33 18.58 -18.21
CA HIS A 269 3.98 17.48 -18.89
C HIS A 269 4.75 17.72 -20.20
N PRO A 270 5.87 18.44 -20.09
CA PRO A 270 6.68 18.73 -21.27
C PRO A 270 7.49 17.51 -21.74
N ALA A 271 7.76 17.39 -23.03
CA ALA A 271 8.58 16.27 -23.47
C ALA A 271 10.03 16.79 -23.46
N PHE A 272 11.01 15.91 -23.55
CA PHE A 272 12.41 16.34 -23.54
C PHE A 272 13.35 15.20 -23.85
N SER A 273 14.48 15.52 -24.50
CA SER A 273 15.46 14.50 -24.83
C SER A 273 16.81 14.87 -24.28
N LEU A 274 17.28 14.16 -23.27
CA LEU A 274 18.59 14.47 -22.71
C LEU A 274 19.68 14.36 -23.79
N ARG A 275 19.55 13.40 -24.70
CA ARG A 275 20.53 13.21 -25.75
C ARG A 275 20.65 14.42 -26.67
N SER A 276 19.55 14.81 -27.30
CA SER A 276 19.61 15.93 -28.24
C SER A 276 19.39 17.32 -27.63
N GLY A 277 18.87 17.39 -26.42
CA GLY A 277 18.63 18.70 -25.84
C GLY A 277 17.27 19.32 -26.22
N ARG A 278 16.52 18.67 -27.09
CA ARG A 278 15.22 19.22 -27.47
C ARG A 278 14.21 19.18 -26.33
N LEU A 279 13.54 20.32 -26.10
CA LEU A 279 12.52 20.45 -25.07
C LEU A 279 11.29 20.85 -25.86
N VAL A 280 10.16 20.19 -25.58
CA VAL A 280 8.89 20.40 -26.26
C VAL A 280 7.85 20.65 -25.17
N TRP A 281 7.28 21.84 -25.12
CA TRP A 281 6.32 22.20 -24.10
C TRP A 281 5.00 22.76 -24.57
N PRO A 282 3.91 22.03 -24.36
CA PRO A 282 2.69 22.67 -24.88
C PRO A 282 2.01 23.59 -23.87
N THR A 283 0.83 24.08 -24.28
CA THR A 283 0.00 24.94 -23.46
C THR A 283 -1.31 24.22 -23.55
N TYR A 284 -2.24 24.55 -22.64
CA TYR A 284 -3.54 23.89 -22.62
C TYR A 284 -4.21 23.83 -24.00
N THR A 285 -3.74 24.65 -24.93
CA THR A 285 -4.36 24.70 -26.25
C THR A 285 -3.65 23.89 -27.31
N GLY A 286 -2.42 23.48 -27.03
CA GLY A 286 -1.68 22.71 -28.00
C GLY A 286 -0.62 23.56 -28.68
N LYS A 287 -0.48 24.80 -28.26
CA LYS A 287 0.54 25.63 -28.85
C LYS A 287 1.78 25.05 -28.25
N ILE A 288 2.85 24.96 -29.04
CA ILE A 288 4.09 24.38 -28.55
C ILE A 288 5.37 25.16 -28.71
N PHE A 289 5.95 25.56 -27.58
CA PHE A 289 7.21 26.28 -27.59
C PHE A 289 8.32 25.25 -27.47
N GLN A 290 9.31 25.31 -28.35
CA GLN A 290 10.41 24.37 -28.24
C GLN A 290 11.59 25.19 -27.83
N ALA A 291 12.72 24.52 -27.66
CA ALA A 291 13.96 25.16 -27.24
C ALA A 291 14.98 24.06 -27.29
N ASP A 292 16.19 24.40 -27.69
CA ASP A 292 17.22 23.40 -27.73
C ASP A 292 18.23 23.87 -26.72
N LEU A 293 18.25 23.18 -25.59
CA LEU A 293 19.14 23.51 -24.49
C LEU A 293 20.53 23.03 -24.84
N THR A 294 21.54 23.84 -24.52
CA THR A 294 22.88 23.45 -24.89
C THR A 294 23.88 23.39 -23.77
N ALA A 295 23.84 24.40 -22.91
CA ALA A 295 24.76 24.55 -21.78
C ALA A 295 25.04 26.05 -21.82
N GLU A 296 25.39 26.52 -23.01
CA GLU A 296 25.68 27.93 -23.26
C GLU A 296 24.35 28.67 -23.02
N GLY A 297 23.24 28.00 -23.34
CA GLY A 297 21.94 28.60 -23.17
C GLY A 297 20.86 27.99 -24.03
N ALA A 298 19.63 28.45 -23.85
CA ALA A 298 18.47 27.94 -24.61
C ALA A 298 18.13 28.76 -25.85
N THR A 299 17.95 28.03 -26.93
CA THR A 299 17.65 28.64 -28.19
C THR A 299 16.27 28.25 -28.63
N PHE A 300 15.29 29.12 -28.33
CA PHE A 300 13.92 28.85 -28.70
C PHE A 300 13.67 28.77 -30.17
N ARG A 301 12.61 28.07 -30.53
CA ARG A 301 12.25 27.92 -31.90
C ARG A 301 10.89 28.56 -32.10
N ALA A 302 10.48 28.67 -33.35
CA ALA A 302 9.22 29.26 -33.70
C ALA A 302 8.12 28.32 -33.27
N PRO A 303 7.23 28.78 -32.38
CA PRO A 303 6.10 28.00 -31.87
C PRO A 303 5.25 27.36 -32.96
N ILE A 304 4.89 26.10 -32.73
CA ILE A 304 4.08 25.33 -33.66
C ILE A 304 2.74 25.06 -33.01
N GLU A 305 1.66 25.27 -33.73
CA GLU A 305 0.36 24.98 -33.14
C GLU A 305 0.20 23.53 -33.48
N ALA A 306 -0.02 22.69 -32.46
CA ALA A 306 -0.16 21.25 -32.66
C ALA A 306 -1.50 20.92 -33.27
N LEU A 307 -2.47 21.79 -33.02
CA LEU A 307 -3.80 21.61 -33.55
C LEU A 307 -4.17 22.64 -34.62
N THR A 308 -5.15 22.30 -35.46
CA THR A 308 -5.58 23.20 -36.55
C THR A 308 -6.69 24.14 -36.10
N GLU A 309 -6.65 25.36 -36.62
CA GLU A 309 -7.65 26.39 -36.30
C GLU A 309 -9.06 25.84 -36.47
N ALA A 310 -9.19 24.80 -37.28
CA ALA A 310 -10.48 24.17 -37.53
C ALA A 310 -10.78 23.26 -36.37
N GLU A 311 -9.73 22.61 -35.86
CA GLU A 311 -9.85 21.71 -34.73
C GLU A 311 -10.01 22.55 -33.48
N ARG A 312 -9.08 23.47 -33.29
CA ARG A 312 -9.13 24.36 -32.15
C ARG A 312 -10.48 25.11 -32.19
N ALA A 313 -11.09 25.09 -33.38
CA ALA A 313 -12.40 25.72 -33.61
C ALA A 313 -13.48 24.80 -33.06
N ASP A 314 -13.19 23.51 -33.02
CA ASP A 314 -14.16 22.56 -32.53
C ASP A 314 -13.71 21.91 -31.22
N ASP A 315 -13.40 22.77 -30.25
CA ASP A 315 -13.01 22.32 -28.91
C ASP A 315 -11.84 21.35 -28.77
N TRP A 316 -11.05 21.13 -29.81
CA TRP A 316 -9.93 20.20 -29.63
C TRP A 316 -8.95 20.85 -28.71
N ARG A 317 -8.46 20.06 -27.77
CA ARG A 317 -7.52 20.54 -26.80
C ARG A 317 -6.79 19.35 -26.26
N PRO A 318 -5.55 19.55 -25.82
CA PRO A 318 -4.76 18.44 -25.27
C PRO A 318 -5.28 18.08 -23.86
N GLY A 319 -5.26 16.82 -23.48
CA GLY A 319 -5.76 16.43 -22.18
C GLY A 319 -5.14 15.15 -21.63
N GLY A 320 -5.03 15.04 -20.31
CA GLY A 320 -4.48 13.83 -19.72
C GLY A 320 -3.39 14.04 -18.68
N TRP A 321 -2.39 13.16 -18.65
CA TRP A 321 -1.30 13.26 -17.70
C TRP A 321 -0.04 13.54 -18.51
N GLN A 322 0.77 12.51 -18.76
CA GLN A 322 1.98 12.65 -19.58
C GLN A 322 1.50 12.66 -21.08
N GLN A 323 1.07 13.83 -21.59
CA GLN A 323 0.54 13.92 -22.95
C GLN A 323 1.51 14.25 -24.07
N THR A 324 2.78 14.46 -23.73
CA THR A 324 3.76 14.83 -24.74
C THR A 324 4.87 13.82 -25.01
N ALA A 325 5.10 13.51 -26.26
CA ALA A 325 6.16 12.58 -26.60
C ALA A 325 7.00 13.15 -27.72
N TYR A 326 8.32 13.02 -27.58
CA TYR A 326 9.24 13.50 -28.59
C TYR A 326 10.16 12.36 -29.03
N HIS A 327 10.00 11.90 -30.27
CA HIS A 327 10.86 10.85 -30.76
C HIS A 327 12.14 11.46 -31.31
N ARG A 328 13.21 11.40 -30.53
CA ARG A 328 14.48 12.01 -30.90
C ARG A 328 15.06 11.75 -32.28
N GLN A 329 15.46 10.51 -32.54
CA GLN A 329 16.04 10.13 -33.83
C GLN A 329 15.20 10.58 -35.03
N SER A 330 13.88 10.70 -34.85
CA SER A 330 13.02 11.12 -35.96
C SER A 330 12.59 12.61 -35.95
N ASP A 331 12.74 13.26 -34.80
CA ASP A 331 12.36 14.65 -34.65
C ASP A 331 10.85 14.77 -34.81
N ARG A 332 10.12 13.79 -34.31
CA ARG A 332 8.67 13.84 -34.38
C ARG A 332 8.08 14.08 -32.99
N ILE A 333 6.87 14.63 -32.99
CA ILE A 333 6.19 14.91 -31.74
C ILE A 333 4.84 14.25 -31.66
N TYR A 334 4.54 13.71 -30.48
CA TYR A 334 3.26 13.06 -30.23
C TYR A 334 2.59 13.77 -29.08
N LEU A 335 1.34 14.18 -29.31
CA LEU A 335 0.54 14.88 -28.32
C LEU A 335 -0.85 14.28 -28.18
N LEU A 336 -1.20 13.98 -26.93
CA LEU A 336 -2.48 13.39 -26.57
C LEU A 336 -3.54 14.49 -26.67
N VAL A 337 -4.66 14.22 -27.32
CA VAL A 337 -5.72 15.24 -27.46
C VAL A 337 -7.09 14.64 -27.75
N ASP A 338 -8.12 15.43 -27.49
CA ASP A 338 -9.52 15.03 -27.70
C ASP A 338 -10.37 16.32 -27.61
N GLN A 339 -11.67 16.24 -27.89
CA GLN A 339 -12.52 17.43 -27.78
C GLN A 339 -13.04 17.48 -26.35
N ARG A 340 -12.66 18.54 -25.63
CA ARG A 340 -13.02 18.70 -24.22
C ARG A 340 -13.30 20.15 -23.82
N ASP A 341 -13.86 20.31 -22.60
CA ASP A 341 -14.10 21.66 -22.05
C ASP A 341 -12.69 22.17 -21.73
N GLU A 342 -12.54 23.47 -21.64
CA GLU A 342 -11.22 24.03 -21.39
C GLU A 342 -10.67 23.69 -20.00
N TRP A 343 -11.55 23.34 -19.07
CA TRP A 343 -11.14 23.03 -17.69
C TRP A 343 -11.27 21.54 -17.36
N LYS A 344 -11.02 20.72 -18.36
CA LYS A 344 -11.08 19.26 -18.27
C LYS A 344 -9.76 18.73 -18.86
N HIS A 345 -8.69 19.48 -18.59
CA HIS A 345 -7.36 19.17 -19.07
C HIS A 345 -6.66 17.99 -18.43
N LYS A 346 -7.32 17.35 -17.48
CA LYS A 346 -6.69 16.22 -16.86
C LYS A 346 -7.43 14.96 -17.17
N ALA A 347 -8.60 15.09 -17.80
CA ALA A 347 -9.39 13.90 -18.19
C ALA A 347 -8.55 13.13 -19.22
N ALA A 348 -9.02 11.96 -19.63
CA ALA A 348 -8.27 11.19 -20.60
C ALA A 348 -8.54 11.68 -22.01
N SER A 349 -7.73 11.24 -22.96
CA SER A 349 -7.89 11.59 -24.36
C SER A 349 -7.96 10.28 -25.15
N ARG A 350 -8.51 10.33 -26.38
CA ARG A 350 -8.64 9.13 -27.19
C ARG A 350 -7.87 9.22 -28.49
N PHE A 351 -7.03 10.23 -28.64
CA PHE A 351 -6.27 10.42 -29.87
C PHE A 351 -4.88 10.96 -29.63
N VAL A 352 -4.01 10.68 -30.59
CA VAL A 352 -2.67 11.18 -30.56
C VAL A 352 -2.36 11.79 -31.92
N VAL A 353 -1.82 13.00 -31.88
CA VAL A 353 -1.42 13.69 -33.09
C VAL A 353 0.09 13.62 -33.21
N VAL A 354 0.56 13.35 -34.41
CA VAL A 354 1.98 13.26 -34.70
C VAL A 354 2.27 14.37 -35.70
N LEU A 355 3.41 15.04 -35.54
CA LEU A 355 3.76 16.14 -36.44
C LEU A 355 5.27 16.39 -36.49
N ASN A 356 5.70 17.06 -37.55
CA ASN A 356 7.10 17.38 -37.76
C ASN A 356 7.57 18.45 -36.76
N ALA A 357 8.61 18.17 -35.98
CA ALA A 357 9.11 19.14 -34.98
C ALA A 357 9.76 20.37 -35.60
N GLU A 358 10.09 20.28 -36.88
CA GLU A 358 10.76 21.38 -37.58
C GLU A 358 9.79 22.19 -38.45
N THR A 359 8.85 21.52 -39.07
CA THR A 359 7.91 22.18 -39.93
C THR A 359 6.60 22.45 -39.21
N GLY A 360 6.24 21.61 -38.25
CA GLY A 360 4.99 21.80 -37.53
C GLY A 360 3.84 21.19 -38.32
N GLU A 361 4.20 20.51 -39.40
CA GLU A 361 3.23 19.88 -40.28
C GLU A 361 2.81 18.51 -39.74
N ARG A 362 1.50 18.28 -39.70
CA ARG A 362 0.97 17.01 -39.20
C ARG A 362 1.38 15.82 -40.07
N ILE A 363 1.76 14.73 -39.39
CA ILE A 363 2.17 13.49 -40.04
C ILE A 363 1.08 12.43 -39.88
N ASN A 364 0.37 12.48 -38.77
CA ASN A 364 -0.70 11.51 -38.54
C ASN A 364 -1.54 11.89 -37.33
N LYS A 365 -2.69 11.23 -37.22
CA LYS A 365 -3.58 11.44 -36.10
C LYS A 365 -4.09 10.04 -35.78
N ILE A 366 -3.45 9.43 -34.79
CA ILE A 366 -3.77 8.08 -34.36
C ILE A 366 -5.00 7.99 -33.45
N GLU A 367 -5.82 6.98 -33.68
CA GLU A 367 -7.03 6.76 -32.88
C GLU A 367 -6.73 5.58 -31.97
N LEU A 368 -6.58 5.90 -30.68
CA LEU A 368 -6.24 4.91 -29.65
C LEU A 368 -7.25 3.81 -29.41
N GLY A 369 -8.53 4.17 -29.34
CA GLY A 369 -9.56 3.18 -29.10
C GLY A 369 -9.83 2.99 -27.63
N HIS A 370 -9.18 3.83 -26.83
CA HIS A 370 -9.31 3.77 -25.38
C HIS A 370 -9.06 5.12 -24.70
N GLU A 371 -9.62 5.25 -23.49
CA GLU A 371 -9.41 6.45 -22.70
C GLU A 371 -7.95 6.28 -22.25
N ILE A 372 -7.08 7.17 -22.69
CA ILE A 372 -5.69 7.10 -22.33
C ILE A 372 -5.32 8.33 -21.56
N ASP A 373 -4.31 8.22 -20.70
CA ASP A 373 -3.85 9.33 -19.85
C ASP A 373 -2.40 9.70 -20.08
N SER A 374 -1.59 8.72 -20.48
CA SER A 374 -0.18 9.01 -20.72
C SER A 374 0.38 8.29 -21.94
N ILE A 375 1.40 8.90 -22.54
CA ILE A 375 2.04 8.34 -23.72
C ILE A 375 3.52 8.65 -23.66
N ASN A 376 4.24 8.00 -24.57
CA ASN A 376 5.68 8.15 -24.75
C ASN A 376 5.93 7.16 -25.87
N VAL A 377 7.14 7.19 -26.44
CA VAL A 377 7.55 6.25 -27.49
C VAL A 377 8.93 5.66 -27.24
N SER A 378 9.23 4.56 -27.92
CA SER A 378 10.56 3.95 -27.80
C SER A 378 11.45 4.70 -28.81
N GLN A 379 12.71 4.94 -28.45
CA GLN A 379 13.63 5.68 -29.35
C GLN A 379 14.28 4.87 -30.48
N ASP A 380 13.96 3.59 -30.58
CA ASP A 380 14.52 2.77 -31.64
C ASP A 380 13.98 3.33 -32.95
N ALA A 381 14.64 2.96 -34.05
CA ALA A 381 14.23 3.44 -35.36
C ALA A 381 12.80 3.12 -35.74
N GLU A 382 12.24 2.02 -35.26
CA GLU A 382 10.85 1.68 -35.58
C GLU A 382 10.10 1.74 -34.25
N PRO A 383 10.06 2.93 -33.67
CA PRO A 383 9.40 3.23 -32.39
C PRO A 383 8.03 2.62 -32.16
N LEU A 384 7.74 2.45 -30.88
CA LEU A 384 6.47 1.92 -30.44
C LEU A 384 5.85 3.11 -29.76
N LEU A 385 4.53 3.15 -29.77
CA LEU A 385 3.80 4.24 -29.13
C LEU A 385 3.18 3.68 -27.87
N TYR A 386 3.58 4.23 -26.71
CA TYR A 386 2.99 3.71 -25.47
C TYR A 386 1.78 4.51 -25.04
N ALA A 387 0.66 3.82 -24.83
CA ALA A 387 -0.54 4.49 -24.39
C ALA A 387 -1.00 3.78 -23.14
N LEU A 388 -0.93 4.51 -22.02
CA LEU A 388 -1.29 3.98 -20.70
C LEU A 388 -2.54 4.62 -20.13
N SER A 389 -3.40 3.78 -19.57
CA SER A 389 -4.66 4.20 -18.97
C SER A 389 -4.71 3.90 -17.47
N ALA A 390 -4.65 4.96 -16.64
CA ALA A 390 -4.70 4.75 -15.19
C ALA A 390 -6.09 4.29 -14.76
N GLY A 391 -7.09 4.59 -15.60
CA GLY A 391 -8.46 4.22 -15.33
C GLY A 391 -8.71 2.73 -15.36
N THR A 392 -7.96 2.01 -16.19
CA THR A 392 -8.10 0.54 -16.30
C THR A 392 -6.77 -0.16 -15.97
N GLN A 393 -5.79 0.62 -15.53
CA GLN A 393 -4.46 0.11 -15.17
C GLN A 393 -3.94 -0.81 -16.27
N THR A 394 -4.13 -0.39 -17.51
CA THR A 394 -3.71 -1.16 -18.68
C THR A 394 -2.83 -0.36 -19.63
N LEU A 395 -1.73 -0.95 -20.06
CA LEU A 395 -0.86 -0.28 -21.02
C LEU A 395 -1.20 -0.83 -22.40
N HIS A 396 -1.31 0.07 -23.38
CA HIS A 396 -1.62 -0.32 -24.76
C HIS A 396 -0.41 -0.01 -25.65
N ILE A 397 -0.06 -0.94 -26.53
CA ILE A 397 1.11 -0.73 -27.38
C ILE A 397 0.76 -0.78 -28.85
N TYR A 398 1.13 0.32 -29.53
CA TYR A 398 0.85 0.50 -30.97
C TYR A 398 2.12 0.65 -31.82
N ASP A 399 1.94 0.43 -33.12
CA ASP A 399 3.04 0.64 -34.04
C ASP A 399 3.03 2.16 -34.30
N ALA A 400 4.13 2.83 -33.98
CA ALA A 400 4.20 4.28 -34.15
C ALA A 400 3.83 4.73 -35.56
N ALA A 401 4.31 4.00 -36.56
CA ALA A 401 4.05 4.33 -37.94
C ALA A 401 2.61 4.08 -38.40
N THR A 402 2.02 2.94 -38.07
CA THR A 402 0.65 2.67 -38.51
C THR A 402 -0.47 3.11 -37.56
N GLY A 403 -0.14 3.26 -36.27
CA GLY A 403 -1.15 3.66 -35.29
C GLY A 403 -2.12 2.55 -34.87
N GLU A 404 -1.77 1.31 -35.18
CA GLU A 404 -2.61 0.18 -34.83
C GLU A 404 -2.15 -0.45 -33.50
N GLU A 405 -3.08 -1.02 -32.76
CA GLU A 405 -2.72 -1.62 -31.50
C GLU A 405 -2.18 -3.04 -31.69
N LEU A 406 -1.02 -3.31 -31.12
CA LEU A 406 -0.38 -4.62 -31.23
C LEU A 406 -0.65 -5.52 -30.03
N ARG A 407 -0.65 -4.94 -28.84
CA ARG A 407 -0.85 -5.73 -27.64
C ARG A 407 -1.06 -4.83 -26.43
N SER A 408 -1.68 -5.39 -25.39
CA SER A 408 -1.91 -4.64 -24.17
C SER A 408 -1.36 -5.44 -22.98
N VAL A 409 -1.09 -4.71 -21.90
CA VAL A 409 -0.60 -5.34 -20.70
C VAL A 409 -1.40 -4.69 -19.58
N ASP A 410 -2.23 -5.49 -18.91
CA ASP A 410 -3.06 -4.95 -17.84
C ASP A 410 -2.60 -5.29 -16.41
N GLN A 411 -3.45 -4.95 -15.43
CA GLN A 411 -3.22 -5.19 -14.02
C GLN A 411 -1.97 -4.53 -13.46
N LEU A 412 -1.74 -3.32 -13.93
CA LEU A 412 -0.59 -2.55 -13.52
C LEU A 412 -0.94 -1.59 -12.37
N GLY A 413 -0.98 -2.09 -11.16
CA GLY A 413 -1.28 -1.22 -10.04
C GLY A 413 -2.68 -0.67 -9.96
N ARG A 414 -2.81 0.49 -9.30
CA ARG A 414 -4.09 1.16 -9.08
C ARG A 414 -4.37 2.34 -10.00
N GLY A 415 -3.31 2.95 -10.53
CA GLY A 415 -3.46 4.09 -11.41
C GLY A 415 -2.13 4.44 -12.07
N PRO A 416 -1.60 3.50 -12.90
CA PRO A 416 -0.34 3.74 -13.58
C PRO A 416 -0.40 5.04 -14.38
N GLN A 417 0.64 5.87 -14.22
CA GLN A 417 0.75 7.19 -14.88
C GLN A 417 2.05 7.65 -15.58
N ILE A 418 3.21 7.11 -15.23
CA ILE A 418 4.45 7.58 -15.86
C ILE A 418 5.15 6.52 -16.69
N ILE A 419 5.61 6.92 -17.87
CA ILE A 419 6.28 5.99 -18.77
C ILE A 419 7.73 6.47 -18.94
N THR A 420 8.65 5.53 -18.85
CA THR A 420 10.05 5.86 -18.99
C THR A 420 10.74 4.80 -19.84
N THR A 421 11.76 5.21 -20.58
CA THR A 421 12.47 4.33 -21.47
C THR A 421 13.95 4.70 -21.43
N HIS A 422 14.75 3.95 -22.18
CA HIS A 422 16.18 4.18 -22.31
C HIS A 422 16.37 4.65 -23.74
N ASP A 423 17.20 5.67 -23.94
CA ASP A 423 17.47 6.17 -25.29
C ASP A 423 18.85 5.63 -25.51
N MET A 424 18.94 4.41 -26.02
CA MET A 424 20.24 3.77 -26.22
C MET A 424 20.41 3.23 -27.62
N ASP A 425 19.28 3.04 -28.29
CA ASP A 425 19.30 2.52 -29.64
C ASP A 425 20.57 2.88 -30.43
N SER A 426 20.67 4.13 -30.87
CA SER A 426 21.82 4.60 -31.66
C SER A 426 22.91 5.17 -30.76
N VAL B 64 -20.75 11.07 -17.14
CA VAL B 64 -20.65 10.11 -18.22
C VAL B 64 -19.53 10.47 -19.20
N ASP B 65 -19.50 11.74 -19.68
CA ASP B 65 -18.46 12.19 -20.60
C ASP B 65 -17.41 12.94 -19.80
N PRO B 66 -16.28 12.27 -19.54
CA PRO B 66 -15.18 12.83 -18.77
C PRO B 66 -14.64 14.11 -19.36
N ARG B 67 -14.90 14.31 -20.64
CA ARG B 67 -14.43 15.50 -21.35
C ARG B 67 -15.46 16.64 -21.44
N ALA B 68 -16.64 16.44 -20.85
CA ALA B 68 -17.70 17.44 -20.85
C ALA B 68 -17.59 18.43 -19.68
N LYS B 69 -18.19 19.61 -19.85
CA LYS B 69 -18.14 20.67 -18.82
C LYS B 69 -18.75 20.34 -17.44
N TRP B 70 -18.16 20.93 -16.40
CA TRP B 70 -18.58 20.73 -15.01
C TRP B 70 -20.01 21.19 -14.80
N GLN B 71 -20.79 20.40 -14.09
CA GLN B 71 -22.20 20.72 -13.80
C GLN B 71 -22.37 20.51 -12.30
N PRO B 72 -22.12 21.58 -11.52
CA PRO B 72 -22.24 21.57 -10.07
C PRO B 72 -23.63 21.38 -9.43
N GLN B 73 -23.65 20.70 -8.30
CA GLN B 73 -24.89 20.49 -7.54
C GLN B 73 -24.62 20.88 -6.09
N ASP B 74 -25.69 21.01 -5.31
CA ASP B 74 -25.56 21.35 -3.91
C ASP B 74 -26.58 20.48 -3.17
N ASN B 75 -26.55 19.18 -3.46
CA ASN B 75 -27.49 18.26 -2.85
C ASN B 75 -26.85 17.01 -2.27
N ASP B 76 -25.57 16.80 -2.58
CA ASP B 76 -24.83 15.62 -2.10
C ASP B 76 -23.34 15.94 -1.96
N ILE B 77 -22.87 16.23 -0.76
CA ILE B 77 -21.47 16.56 -0.59
C ILE B 77 -20.52 15.42 -0.91
N GLN B 78 -21.04 14.19 -1.02
CA GLN B 78 -20.18 13.05 -1.31
C GLN B 78 -20.13 12.67 -2.77
N ALA B 79 -20.59 13.58 -3.63
CA ALA B 79 -20.57 13.33 -5.07
C ALA B 79 -19.49 14.24 -5.64
N CYS B 80 -18.62 13.68 -6.48
CA CYS B 80 -17.53 14.45 -7.04
C CYS B 80 -17.99 15.77 -7.65
N ASP B 81 -19.25 15.83 -8.06
CA ASP B 81 -19.75 17.07 -8.66
C ASP B 81 -20.43 18.04 -7.69
N TYR B 82 -20.30 17.81 -6.38
CA TYR B 82 -20.83 18.74 -5.39
C TYR B 82 -20.11 20.04 -5.79
N TRP B 83 -20.70 21.21 -5.51
CA TRP B 83 -20.10 22.44 -5.99
C TRP B 83 -18.83 22.98 -5.37
N ARG B 84 -18.53 22.58 -4.15
CA ARG B 84 -17.32 23.06 -3.52
C ARG B 84 -16.11 22.22 -3.93
N HIS B 85 -16.35 21.17 -4.71
CA HIS B 85 -15.26 20.28 -5.13
C HIS B 85 -14.73 20.60 -6.49
N CYS B 86 -15.16 21.73 -7.04
CA CYS B 86 -14.78 22.14 -8.39
C CYS B 86 -13.29 22.10 -8.70
N SER B 87 -12.46 21.86 -7.69
CA SER B 87 -11.02 21.76 -7.92
C SER B 87 -10.33 20.90 -6.87
N ILE B 88 -11.01 19.82 -6.50
CA ILE B 88 -10.48 18.88 -5.52
C ILE B 88 -9.73 17.74 -6.20
N ASP B 89 -8.65 17.32 -5.59
CA ASP B 89 -7.87 16.25 -6.15
C ASP B 89 -7.64 15.31 -5.02
N GLY B 90 -8.10 14.06 -5.20
CA GLY B 90 -7.92 13.05 -4.19
C GLY B 90 -9.20 12.36 -3.74
N ASN B 91 -9.47 12.50 -2.43
CA ASN B 91 -10.61 11.89 -1.80
C ASN B 91 -11.30 12.87 -0.89
N ILE B 92 -12.63 12.77 -0.83
CA ILE B 92 -13.49 13.65 -0.01
C ILE B 92 -13.48 13.20 1.47
N CYS B 93 -12.95 14.03 2.36
CA CYS B 93 -12.88 13.67 3.78
C CYS B 93 -14.20 13.22 4.44
N ASP B 94 -15.33 13.65 3.89
CA ASP B 94 -16.60 13.26 4.51
C ASP B 94 -16.84 11.73 4.50
N CYS B 95 -16.27 11.06 3.50
CA CYS B 95 -16.41 9.62 3.35
C CYS B 95 -15.45 8.76 4.17
N SER B 96 -14.67 9.35 5.08
CA SER B 96 -13.75 8.55 5.87
C SER B 96 -13.59 9.02 7.32
N GLY B 97 -14.65 9.65 7.84
CA GLY B 97 -14.60 10.06 9.23
C GLY B 97 -14.59 11.53 9.52
N GLY B 98 -14.17 12.32 8.52
CA GLY B 98 -14.15 13.74 8.66
C GLY B 98 -15.53 14.25 8.27
N SER B 99 -15.54 15.46 7.71
CA SER B 99 -16.76 16.10 7.26
C SER B 99 -16.35 16.95 6.09
N LEU B 100 -17.30 17.65 5.50
CA LEU B 100 -16.99 18.50 4.38
C LEU B 100 -15.87 19.47 4.73
N THR B 101 -15.90 19.97 5.96
CA THR B 101 -14.90 20.95 6.39
C THR B 101 -13.94 20.52 7.50
N ASN B 102 -14.10 19.29 8.01
CA ASN B 102 -13.22 18.79 9.04
C ASN B 102 -12.51 17.47 8.69
N CYS B 103 -11.38 17.22 9.38
CA CYS B 103 -10.57 16.02 9.19
C CYS B 103 -11.05 14.86 10.08
N PRO B 104 -10.77 13.62 9.68
CA PRO B 104 -11.16 12.43 10.42
C PRO B 104 -10.22 12.22 11.60
N PRO B 105 -10.71 11.57 12.67
CA PRO B 105 -9.86 11.33 13.84
C PRO B 105 -8.51 10.74 13.44
N GLY B 106 -7.47 11.03 14.24
CA GLY B 106 -6.14 10.53 13.98
C GLY B 106 -5.36 11.24 12.88
N THR B 107 -6.04 12.00 12.03
CA THR B 107 -5.33 12.67 10.95
C THR B 107 -5.01 14.09 11.33
N LYS B 108 -4.14 14.70 10.52
CA LYS B 108 -3.67 16.06 10.74
C LYS B 108 -4.11 17.04 9.67
N LEU B 109 -4.57 18.20 10.16
CA LEU B 109 -5.09 19.31 9.39
C LEU B 109 -4.05 20.28 8.85
N ALA B 110 -3.91 20.29 7.53
CA ALA B 110 -3.01 21.22 6.89
C ALA B 110 -3.68 22.58 7.11
N THR B 111 -2.89 23.65 7.05
CA THR B 111 -3.40 25.01 7.23
C THR B 111 -3.29 25.75 5.92
N ALA B 112 -2.49 25.21 5.01
CA ALA B 112 -2.26 25.80 3.70
C ALA B 112 -2.78 24.97 2.51
N SER B 113 -2.88 25.55 1.33
CA SER B 113 -3.38 24.72 0.24
C SER B 113 -3.65 25.45 -1.04
N TRQ B 114 -4.03 24.69 -2.05
CA TRQ B 114 -4.41 25.25 -3.32
C TRQ B 114 -5.87 25.68 -3.15
O TRQ B 114 -6.61 25.08 -2.39
CB TRQ B 114 -4.23 24.22 -4.45
CG TRQ B 114 -5.18 23.03 -4.43
CD1 TRQ B 114 -6.39 22.95 -5.06
NE1 TRQ B 114 -6.97 21.73 -4.86
CE2 TRQ B 114 -6.12 20.97 -4.08
CZ2 TRQ B 114 -6.29 19.66 -3.62
CH2 TRQ B 114 -5.28 19.12 -2.84
CZ3 TRQ B 114 -4.12 19.88 -2.52
CE3 TRQ B 114 -3.95 21.18 -2.98
CD2 TRQ B 114 -4.98 21.75 -3.78
O6 TRQ B 114 -5.39 17.92 -2.38
O7 TRQ B 114 -7.38 19.14 -3.69
N VAL B 115 -6.27 26.74 -3.83
CA VAL B 115 -7.62 27.25 -3.71
C VAL B 115 -8.25 27.29 -5.09
N ALA B 116 -9.50 27.71 -5.14
CA ALA B 116 -10.20 27.80 -6.41
C ALA B 116 -11.54 28.46 -6.24
N SER B 117 -11.88 29.36 -7.14
CA SER B 117 -13.16 30.04 -7.09
C SER B 117 -14.15 29.04 -7.67
N CYS B 118 -15.16 28.70 -6.89
CA CYS B 118 -16.17 27.72 -7.30
C CYS B 118 -17.54 28.32 -7.19
N TYR B 119 -18.31 28.17 -8.27
CA TYR B 119 -19.66 28.71 -8.36
C TYR B 119 -20.68 27.89 -7.61
N ASN B 120 -21.53 28.58 -6.86
CA ASN B 120 -22.60 27.89 -6.11
C ASN B 120 -23.99 28.07 -6.74
N PRO B 121 -24.51 27.02 -7.40
CA PRO B 121 -25.82 27.12 -8.03
C PRO B 121 -26.98 27.52 -7.12
N THR B 122 -26.86 27.26 -5.83
CA THR B 122 -27.93 27.62 -4.91
C THR B 122 -28.05 29.14 -4.74
N ASP B 123 -26.95 29.87 -4.67
CA ASP B 123 -27.02 31.32 -4.52
C ASP B 123 -26.40 32.17 -5.65
N GLY B 124 -26.04 31.52 -6.74
CA GLY B 124 -25.48 32.23 -7.87
C GLY B 124 -24.13 32.86 -7.58
N GLN B 125 -23.74 32.85 -6.30
CA GLN B 125 -22.47 33.43 -5.88
C GLN B 125 -21.26 32.56 -6.18
N SER B 126 -20.08 33.07 -5.83
CA SER B 126 -18.86 32.32 -6.03
C SER B 126 -17.94 32.55 -4.84
N TYR B 127 -17.37 31.47 -4.36
CA TYR B 127 -16.53 31.54 -3.20
C TYR B 127 -15.21 30.82 -3.44
N LEU B 128 -14.20 31.23 -2.69
CA LEU B 128 -12.92 30.61 -2.81
C LEU B 128 -12.91 29.51 -1.76
N ILE B 129 -12.47 28.32 -2.18
CA ILE B 129 -12.40 27.15 -1.32
C ILE B 129 -10.93 26.88 -1.12
N ALA B 130 -10.56 26.58 0.13
CA ALA B 130 -9.17 26.28 0.49
C ALA B 130 -9.12 24.78 0.64
N TYR B 131 -8.62 24.10 -0.40
CA TYR B 131 -8.54 22.66 -0.38
C TYR B 131 -7.40 22.14 0.46
N ARG B 132 -7.55 22.27 1.77
CA ARG B 132 -6.52 21.81 2.69
C ARG B 132 -6.65 20.28 2.85
N ASP B 133 -5.50 19.61 2.95
CA ASP B 133 -5.49 18.17 3.08
C ASP B 133 -5.47 17.68 4.52
N CYS B 134 -5.89 16.42 4.67
CA CYS B 134 -5.90 15.73 5.94
C CYS B 134 -4.81 14.71 5.67
N CYS B 135 -3.79 14.76 6.52
CA CYS B 135 -2.60 13.97 6.32
C CYS B 135 -2.26 13.14 7.52
N GLY B 136 -1.30 12.22 7.32
CA GLY B 136 -0.87 11.34 8.39
C GLY B 136 -1.40 9.92 8.20
N TYR B 137 -2.27 9.73 7.22
CA TYR B 137 -2.81 8.42 6.93
C TYR B 137 -2.57 8.10 5.47
N ASN B 138 -2.78 6.83 5.12
CA ASN B 138 -2.65 6.34 3.75
C ASN B 138 -3.93 6.85 3.09
N VAL B 139 -3.91 7.10 1.80
CA VAL B 139 -5.09 7.60 1.14
C VAL B 139 -6.35 6.78 1.51
N SER B 140 -7.43 7.49 1.83
CA SER B 140 -8.68 6.84 2.23
C SER B 140 -9.19 5.82 1.24
N GLY B 141 -9.08 6.11 -0.04
CA GLY B 141 -9.58 5.17 -1.02
C GLY B 141 -11.11 5.23 -1.19
N ARG B 142 -11.76 6.14 -0.46
CA ARG B 142 -13.19 6.32 -0.53
C ARG B 142 -13.51 7.67 -1.19
N CYS B 143 -14.57 7.69 -1.97
CA CYS B 143 -15.00 8.88 -2.67
C CYS B 143 -13.87 9.62 -3.34
N PRO B 144 -13.20 8.94 -4.28
CA PRO B 144 -12.10 9.58 -5.00
C PRO B 144 -12.72 10.54 -6.02
N CYS B 145 -12.08 11.68 -6.22
CA CYS B 145 -12.59 12.66 -7.17
C CYS B 145 -11.40 13.44 -7.73
N LEU B 146 -11.65 14.19 -8.81
CA LEU B 146 -10.64 15.06 -9.43
C LEU B 146 -11.38 16.05 -10.33
N ASN B 147 -11.22 17.32 -10.00
CA ASN B 147 -11.85 18.39 -10.75
C ASN B 147 -10.78 19.44 -10.97
N THR B 148 -10.84 20.15 -12.09
CA THR B 148 -9.79 21.15 -12.37
C THR B 148 -10.28 22.50 -12.90
N GLU B 149 -11.33 23.03 -12.28
CA GLU B 149 -11.87 24.31 -12.72
C GLU B 149 -10.87 25.42 -12.42
N GLY B 150 -10.31 26.02 -13.47
CA GLY B 150 -9.33 27.07 -13.28
C GLY B 150 -8.04 26.56 -12.69
N GLU B 151 -7.85 25.25 -12.70
CA GLU B 151 -6.63 24.63 -12.17
C GLU B 151 -5.42 25.09 -13.01
N LEU B 152 -4.42 25.63 -12.34
CA LEU B 152 -3.22 26.11 -13.03
C LEU B 152 -2.04 25.14 -12.92
N PRO B 153 -1.02 25.33 -13.80
CA PRO B 153 0.17 24.46 -13.78
C PRO B 153 1.02 24.81 -12.57
N VAL B 154 1.90 23.90 -12.22
CA VAL B 154 2.78 23.98 -11.05
C VAL B 154 3.66 25.21 -10.82
N TYR B 155 4.05 25.97 -11.83
CA TYR B 155 4.83 27.16 -11.54
C TYR B 155 3.88 28.24 -10.98
N ARG B 156 2.57 27.91 -10.91
CA ARG B 156 1.54 28.80 -10.35
C ARG B 156 0.81 28.00 -9.25
N PRO B 157 1.57 27.47 -8.27
CA PRO B 157 1.01 26.67 -7.17
C PRO B 157 -0.32 27.02 -6.54
N GLU B 158 -0.57 28.29 -6.20
CA GLU B 158 -1.85 28.65 -5.55
C GLU B 158 -3.07 27.99 -6.20
N PHE B 159 -2.97 27.60 -7.47
CA PHE B 159 -4.12 26.95 -8.11
C PHE B 159 -3.81 25.57 -8.69
N ALA B 160 -2.67 25.00 -8.27
CA ALA B 160 -2.23 23.69 -8.74
C ALA B 160 -2.62 22.58 -7.78
N ASN B 161 -3.38 21.58 -8.28
CA ASN B 161 -3.83 20.49 -7.42
C ASN B 161 -3.22 19.12 -7.52
N ASP B 162 -2.01 19.01 -8.04
CA ASP B 162 -1.36 17.71 -8.04
C ASP B 162 -0.42 17.79 -6.84
N ILE B 163 -0.38 18.93 -6.18
CA ILE B 163 0.54 19.08 -5.08
C ILE B 163 -0.08 18.53 -3.82
N ILE B 164 0.77 17.99 -2.94
CA ILE B 164 0.29 17.47 -1.68
C ILE B 164 0.33 18.62 -0.71
N TRP B 165 -0.85 19.20 -0.49
CA TRP B 165 -1.07 20.37 0.37
C TRP B 165 -1.20 19.98 1.88
N CYS B 166 -0.12 19.45 2.45
CA CYS B 166 -0.11 19.03 3.85
C CYS B 166 0.65 20.01 4.76
N PHE B 167 1.13 21.09 4.17
CA PHE B 167 1.90 22.07 4.91
C PHE B 167 1.15 22.65 6.13
N GLY B 168 1.81 22.63 7.28
CA GLY B 168 1.19 23.14 8.49
C GLY B 168 0.38 22.15 9.34
N ALA B 169 0.28 20.89 8.89
CA ALA B 169 -0.46 19.87 9.65
C ALA B 169 0.34 19.46 10.90
N GLU B 170 -0.36 19.17 11.98
CA GLU B 170 0.28 18.80 13.21
C GLU B 170 1.32 17.70 12.99
N ASP B 171 2.33 17.68 13.85
CA ASP B 171 3.37 16.66 13.79
C ASP B 171 4.02 16.39 12.42
N ASP B 172 3.95 17.37 11.52
CA ASP B 172 4.57 17.28 10.18
C ASP B 172 4.04 16.25 9.18
N ALA B 173 2.78 15.85 9.34
CA ALA B 173 2.19 14.88 8.44
C ALA B 173 2.26 15.38 7.01
N MET B 174 2.84 14.59 6.13
CA MET B 174 2.92 15.00 4.75
C MET B 174 2.26 14.02 3.77
N THR B 175 1.63 12.95 4.29
CA THR B 175 1.00 11.94 3.44
C THR B 175 -0.45 12.26 3.19
N TYR B 176 -0.87 12.14 1.92
CA TYR B 176 -2.26 12.41 1.55
C TYR B 176 -3.30 11.40 2.06
N HIS B 177 -4.34 11.90 2.74
CA HIS B 177 -5.43 11.03 3.19
C HIS B 177 -6.76 11.38 2.47
N CYS B 178 -7.10 12.66 2.44
CA CYS B 178 -8.33 13.15 1.80
C CYS B 178 -8.24 14.66 1.87
N THR B 179 -9.16 15.34 1.18
CA THR B 179 -9.19 16.80 1.12
C THR B 179 -10.52 17.34 1.66
N ILE B 180 -10.46 18.48 2.36
CA ILE B 180 -11.69 19.14 2.84
C ILE B 180 -12.05 20.34 1.93
N SER B 181 -13.32 20.72 1.92
CA SER B 181 -13.77 21.81 1.07
C SER B 181 -14.38 23.04 1.78
N PRO B 182 -13.65 23.63 2.73
CA PRO B 182 -14.14 24.80 3.45
C PRO B 182 -14.06 26.06 2.58
N ILE B 183 -14.89 27.04 2.92
CA ILE B 183 -14.93 28.31 2.20
C ILE B 183 -13.99 29.27 2.93
N VAL B 184 -13.18 30.00 2.18
CA VAL B 184 -12.26 30.96 2.77
C VAL B 184 -12.99 32.29 2.77
N GLY B 185 -14.07 32.33 1.99
CA GLY B 185 -14.89 33.52 1.86
C GLY B 185 -15.38 33.72 0.44
N LYS B 186 -15.97 34.89 0.18
CA LYS B 186 -16.46 35.13 -1.15
C LYS B 186 -15.33 35.50 -2.10
N ALA B 187 -15.33 34.83 -3.25
CA ALA B 187 -14.31 35.04 -4.27
C ALA B 187 -14.57 36.40 -4.88
N SER B 188 -15.70 36.49 -5.58
CA SER B 188 -16.12 37.72 -6.24
C SER B 188 -15.15 38.88 -5.89
N GLN C 27 13.95 30.41 21.97
CA GLN C 27 12.72 29.86 21.36
C GLN C 27 11.95 30.99 20.69
N ASP C 28 12.20 32.22 21.14
CA ASP C 28 11.50 33.38 20.58
C ASP C 28 12.13 34.77 20.73
N LYS C 29 12.65 35.27 19.62
CA LYS C 29 13.23 36.58 19.54
C LYS C 29 12.04 37.41 19.11
N ILE C 30 10.90 36.73 18.98
CA ILE C 30 9.66 37.37 18.60
C ILE C 30 8.58 37.02 19.61
N THR C 31 7.51 37.82 19.62
CA THR C 31 6.41 37.57 20.53
C THR C 31 5.11 37.76 19.80
N VAL C 32 4.40 36.66 19.56
CA VAL C 32 3.13 36.78 18.86
C VAL C 32 1.99 37.09 19.84
N THR C 33 1.37 38.24 19.61
CA THR C 33 0.27 38.75 20.42
C THR C 33 -0.92 37.78 20.46
N SER C 34 -1.48 37.51 19.30
CA SER C 34 -2.63 36.63 19.14
C SER C 34 -2.32 35.54 18.12
N GLU C 35 -2.87 34.34 18.34
CA GLU C 35 -2.66 33.25 17.40
C GLU C 35 -3.56 33.41 16.19
N LYS C 36 -4.80 33.78 16.45
CA LYS C 36 -5.78 34.00 15.40
C LYS C 36 -5.64 35.41 14.84
N PRO C 37 -5.75 35.53 13.51
CA PRO C 37 -5.64 36.82 12.82
C PRO C 37 -6.64 37.80 13.42
N VAL C 38 -6.30 39.09 13.34
CA VAL C 38 -7.14 40.16 13.84
C VAL C 38 -7.83 40.88 12.68
N ALA C 39 -8.85 41.67 13.01
CA ALA C 39 -9.58 42.42 12.00
C ALA C 39 -8.77 43.64 11.57
N ALA C 40 -8.75 43.91 10.27
CA ALA C 40 -8.01 45.06 9.74
C ALA C 40 -8.30 46.32 10.56
N ALA C 41 -9.55 46.47 10.95
CA ALA C 41 -10.01 47.63 11.72
C ALA C 41 -9.31 47.85 13.07
N ASP C 42 -9.03 46.75 13.78
CA ASP C 42 -8.39 46.83 15.09
C ASP C 42 -6.90 47.15 15.04
N VAL C 43 -6.34 47.19 13.84
CA VAL C 43 -4.93 47.52 13.68
C VAL C 43 -4.77 48.99 14.07
N PRO C 44 -3.88 49.28 15.04
CA PRO C 44 -3.68 50.68 15.45
C PRO C 44 -3.22 51.48 14.22
N ALA C 45 -4.06 52.43 13.79
CA ALA C 45 -3.80 53.26 12.61
C ALA C 45 -2.49 54.06 12.61
N ASP C 46 -1.57 53.70 13.50
CA ASP C 46 -0.28 54.38 13.61
C ASP C 46 0.84 53.34 13.65
N ALA C 47 0.52 52.10 13.29
CA ALA C 47 1.50 51.01 13.31
C ALA C 47 2.16 50.76 11.95
N VAL C 48 3.25 49.99 11.99
CA VAL C 48 4.00 49.61 10.79
C VAL C 48 3.14 48.56 10.10
N VAL C 49 2.79 48.80 8.85
CA VAL C 49 1.90 47.90 8.13
C VAL C 49 2.41 47.35 6.80
N VAL C 50 2.49 46.02 6.70
CA VAL C 50 2.92 45.40 5.44
C VAL C 50 1.69 44.79 4.77
N GLY C 51 1.24 45.44 3.71
CA GLY C 51 0.09 44.97 2.99
C GLY C 51 0.48 43.80 2.13
N ILE C 52 -0.54 43.07 1.70
CA ILE C 52 -0.37 41.89 0.88
C ILE C 52 -1.48 41.93 -0.17
N GLU C 53 -1.09 41.79 -1.43
CA GLU C 53 -2.02 41.77 -2.53
C GLU C 53 -1.29 41.24 -3.74
N LYS C 54 -2.06 40.89 -4.76
CA LYS C 54 -1.52 40.35 -5.98
C LYS C 54 -0.40 39.38 -5.78
N MET C 55 -0.53 38.56 -4.75
CA MET C 55 0.46 37.51 -4.48
C MET C 55 1.81 38.02 -4.05
N LYS C 56 1.84 39.17 -3.39
CA LYS C 56 3.08 39.74 -2.93
C LYS C 56 2.92 40.52 -1.65
N TYR C 57 4.00 40.61 -0.88
CA TYR C 57 4.06 41.43 0.34
C TYR C 57 4.41 42.78 -0.31
N LEU C 58 3.43 43.69 -0.35
CA LEU C 58 3.60 44.99 -0.99
C LEU C 58 4.81 45.80 -0.60
N THR C 59 5.29 45.60 0.63
CA THR C 59 6.44 46.30 1.14
C THR C 59 7.49 45.26 1.54
N PRO C 60 8.17 44.71 0.54
CA PRO C 60 9.21 43.70 0.67
C PRO C 60 10.07 43.79 1.91
N GLU C 61 10.89 44.82 2.02
CA GLU C 61 11.77 45.04 3.17
C GLU C 61 11.30 46.23 4.03
N VAL C 62 11.16 45.99 5.31
CA VAL C 62 10.70 46.96 6.27
C VAL C 62 11.68 46.91 7.43
N THR C 63 12.04 48.06 8.00
CA THR C 63 12.96 48.01 9.13
C THR C 63 12.40 48.76 10.34
N ILE C 64 12.47 48.13 11.51
CA ILE C 64 11.99 48.74 12.76
C ILE C 64 13.05 48.78 13.86
N LYS C 65 12.60 48.83 15.11
CA LYS C 65 13.53 48.87 16.23
C LYS C 65 13.22 47.74 17.18
N ALA C 66 14.22 47.23 17.86
CA ALA C 66 14.01 46.13 18.80
C ALA C 66 12.88 46.46 19.76
N GLY C 67 11.85 45.62 19.77
CA GLY C 67 10.75 45.82 20.69
C GLY C 67 9.51 46.31 20.01
N GLU C 68 9.62 46.73 18.76
CA GLU C 68 8.45 47.21 18.05
C GLU C 68 7.61 46.07 17.49
N THR C 69 6.52 46.43 16.81
CA THR C 69 5.60 45.44 16.27
C THR C 69 5.13 45.75 14.86
N VAL C 70 5.32 44.78 13.97
CA VAL C 70 4.92 44.88 12.56
C VAL C 70 3.58 44.17 12.36
N TYR C 71 2.66 44.82 11.66
CA TYR C 71 1.37 44.18 11.39
C TYR C 71 1.29 43.84 9.91
N TRP C 72 0.83 42.64 9.60
CA TRP C 72 0.67 42.25 8.21
C TRP C 72 -0.84 42.29 7.91
N VAL C 73 -1.20 42.88 6.78
CA VAL C 73 -2.60 42.98 6.41
C VAL C 73 -2.86 42.43 5.00
N ASN C 74 -3.74 41.43 4.91
CA ASN C 74 -4.02 40.83 3.61
C ASN C 74 -5.21 41.50 3.02
N GLY C 75 -5.01 42.05 1.84
CA GLY C 75 -6.08 42.75 1.16
C GLY C 75 -6.89 41.93 0.21
N GLU C 76 -6.58 40.64 0.04
CA GLU C 76 -7.35 39.81 -0.87
C GLU C 76 -7.88 38.57 -0.20
N VAL C 77 -8.64 37.77 -0.94
CA VAL C 77 -9.22 36.52 -0.44
C VAL C 77 -8.14 35.41 -0.33
N MET C 78 -7.20 35.39 -1.28
CA MET C 78 -6.13 34.40 -1.29
C MET C 78 -5.50 34.30 0.09
N PRO C 79 -5.60 33.11 0.70
CA PRO C 79 -5.02 32.96 2.02
C PRO C 79 -3.52 33.15 1.97
N HIS C 80 -2.99 33.85 2.97
CA HIS C 80 -1.55 34.12 3.05
C HIS C 80 -1.18 34.20 4.52
N ASN C 81 0.11 34.11 4.78
CA ASN C 81 0.62 34.18 6.15
C ASN C 81 2.11 34.57 6.17
N VAL C 82 2.67 34.63 7.37
CA VAL C 82 4.08 34.91 7.53
C VAL C 82 4.67 33.65 8.13
N ALA C 83 5.83 33.25 7.63
CA ALA C 83 6.53 32.06 8.08
C ALA C 83 8.05 32.25 8.04
N PHE C 84 8.74 31.50 8.88
CA PHE C 84 10.19 31.56 8.90
C PHE C 84 10.73 30.11 8.90
N LYS C 85 11.88 29.89 8.28
CA LYS C 85 12.51 28.57 8.28
C LYS C 85 13.13 28.40 9.66
N LYS C 86 13.59 27.19 9.96
CA LYS C 86 14.21 27.00 11.26
C LYS C 86 15.53 27.77 11.41
N GLY C 87 15.79 28.24 12.61
CA GLY C 87 17.03 28.97 12.83
C GLY C 87 16.98 30.46 12.55
N ILE C 88 15.93 30.92 11.90
CA ILE C 88 15.85 32.35 11.60
C ILE C 88 15.37 33.15 12.82
N VAL C 89 14.15 32.85 13.25
CA VAL C 89 13.54 33.51 14.37
C VAL C 89 13.77 32.68 15.65
N GLY C 90 14.70 31.72 15.55
CA GLY C 90 15.04 30.82 16.65
C GLY C 90 15.33 29.42 16.11
N GLU C 91 15.82 28.48 16.94
CA GLU C 91 16.13 27.11 16.48
C GLU C 91 14.96 26.41 15.74
N ASP C 92 13.78 26.51 16.32
CA ASP C 92 12.57 25.92 15.75
C ASP C 92 11.99 26.81 14.67
N ALA C 93 11.48 26.21 13.60
CA ALA C 93 10.87 26.97 12.51
C ALA C 93 9.54 27.59 13.02
N PHE C 94 9.14 28.75 12.48
CA PHE C 94 7.88 29.37 12.92
C PHE C 94 6.89 29.63 11.78
N ARG C 95 5.60 29.41 12.05
CA ARG C 95 4.57 29.57 11.04
C ARG C 95 3.33 30.28 11.55
N GLY C 96 3.15 31.52 11.15
CA GLY C 96 1.98 32.26 11.60
C GLY C 96 0.70 31.64 11.07
N GLU C 97 -0.43 32.07 11.59
CA GLU C 97 -1.65 31.50 11.08
C GLU C 97 -1.97 32.19 9.78
N MET C 98 -2.93 31.64 9.06
CA MET C 98 -3.31 32.22 7.78
C MET C 98 -4.25 33.40 7.97
N MET C 99 -4.28 34.27 6.96
CA MET C 99 -5.14 35.45 6.90
C MET C 99 -5.91 35.43 5.59
N THR C 100 -7.19 35.79 5.63
CA THR C 100 -7.95 35.91 4.41
C THR C 100 -8.20 37.45 4.23
N LYS C 101 -9.05 37.86 3.29
CA LYS C 101 -9.29 39.29 3.05
C LYS C 101 -9.64 40.17 4.27
N ASP C 102 -8.90 41.26 4.42
CA ASP C 102 -9.10 42.22 5.50
C ASP C 102 -8.79 41.70 6.89
N GLN C 103 -7.75 40.88 6.99
CA GLN C 103 -7.36 40.35 8.29
C GLN C 103 -5.93 40.71 8.44
N ALA C 104 -5.47 40.72 9.68
CA ALA C 104 -4.08 41.07 9.96
C ALA C 104 -3.43 40.10 10.94
N TYR C 105 -2.12 40.17 11.02
CA TYR C 105 -1.39 39.31 11.92
C TYR C 105 -0.16 40.11 12.40
N ALA C 106 0.14 40.04 13.69
CA ALA C 106 1.24 40.83 14.22
C ALA C 106 2.37 40.09 14.89
N ILE C 107 3.59 40.56 14.64
CA ILE C 107 4.76 39.96 15.29
C ILE C 107 5.60 41.09 15.90
N THR C 108 6.04 40.87 17.12
CA THR C 108 6.87 41.85 17.81
C THR C 108 8.27 41.26 17.78
N PHE C 109 9.22 42.00 17.21
CA PHE C 109 10.58 41.51 17.13
C PHE C 109 11.36 42.08 18.32
N ASN C 110 11.73 41.19 19.23
CA ASN C 110 12.42 41.63 20.44
C ASN C 110 13.93 41.73 20.35
N GLU C 111 14.48 41.34 19.19
CA GLU C 111 15.93 41.37 19.00
C GLU C 111 16.44 42.00 17.70
N ALA C 112 17.57 42.68 17.80
CA ALA C 112 18.18 43.29 16.64
C ALA C 112 18.60 42.14 15.74
N GLY C 113 18.38 42.27 14.43
CA GLY C 113 18.75 41.21 13.52
C GLY C 113 18.02 41.33 12.21
N SER C 114 18.35 40.48 11.24
CA SER C 114 17.69 40.54 9.95
C SER C 114 16.93 39.24 9.71
N TYR C 115 15.62 39.31 9.92
CA TYR C 115 14.71 38.19 9.78
C TYR C 115 14.02 38.06 8.43
N ASP C 116 14.44 37.08 7.63
CA ASP C 116 13.82 36.79 6.33
C ASP C 116 12.59 35.92 6.55
N TYR C 117 11.56 36.08 5.72
CA TYR C 117 10.32 35.30 5.88
C TYR C 117 9.67 34.99 4.54
N PHE C 118 8.67 34.13 4.55
CA PHE C 118 7.99 33.74 3.30
C PHE C 118 6.57 33.32 3.58
N CYS C 119 5.85 33.00 2.52
CA CYS C 119 4.49 32.56 2.72
C CYS C 119 4.53 31.04 2.69
N THR C 120 3.84 30.40 3.65
CA THR C 120 3.86 28.94 3.76
C THR C 120 3.56 28.17 2.49
N PRO C 121 2.35 28.32 1.95
CA PRO C 121 1.98 27.62 0.72
C PRO C 121 2.58 28.31 -0.52
N HIS C 122 2.95 29.57 -0.38
CA HIS C 122 3.50 30.35 -1.48
C HIS C 122 4.99 30.74 -1.22
N PRO C 123 5.93 29.77 -1.41
CA PRO C 123 7.39 29.95 -1.21
C PRO C 123 8.00 31.05 -2.07
N PHE C 124 7.30 31.41 -3.14
CA PHE C 124 7.76 32.46 -4.04
C PHE C 124 7.43 33.83 -3.46
N MET C 125 6.89 33.88 -2.26
CA MET C 125 6.55 35.15 -1.62
C MET C 125 7.48 35.39 -0.45
N ARG C 126 8.35 36.37 -0.54
CA ARG C 126 9.27 36.61 0.56
C ARG C 126 9.35 38.10 0.91
N GLY C 127 9.86 38.37 2.09
CA GLY C 127 9.99 39.74 2.54
C GLY C 127 10.92 39.69 3.72
N LYS C 128 11.22 40.83 4.32
CA LYS C 128 12.07 40.78 5.50
C LYS C 128 11.76 41.89 6.50
N VAL C 129 12.31 41.68 7.69
CA VAL C 129 12.14 42.61 8.77
C VAL C 129 13.50 42.88 9.38
N ILE C 130 14.05 44.06 9.10
CA ILE C 130 15.34 44.40 9.68
C ILE C 130 14.99 45.11 10.97
N VAL C 131 15.51 44.58 12.07
CA VAL C 131 15.27 45.13 13.40
C VAL C 131 16.56 45.75 13.89
N GLU C 132 16.46 46.93 14.47
CA GLU C 132 17.65 47.61 14.98
C GLU C 132 17.37 48.05 16.42
N GLN D 52 -33.30 10.23 3.20
CA GLN D 52 -32.19 11.18 2.92
C GLN D 52 -30.82 10.53 3.05
N THR D 53 -29.98 10.82 2.08
CA THR D 53 -28.64 10.28 2.03
C THR D 53 -27.69 11.01 3.00
N GLU D 54 -26.51 10.44 3.17
CA GLU D 54 -25.47 10.97 4.04
C GLU D 54 -24.91 12.25 3.42
N GLY D 55 -24.59 12.18 2.13
CA GLY D 55 -24.05 13.33 1.43
C GLY D 55 -25.13 14.36 1.19
N GLN D 56 -26.39 13.95 1.28
CA GLN D 56 -27.50 14.88 1.08
C GLN D 56 -27.68 15.65 2.38
N ARG D 57 -27.71 14.93 3.49
CA ARG D 57 -27.87 15.53 4.80
C ARG D 57 -26.70 16.51 5.00
N GLY D 58 -25.52 16.08 4.61
CA GLY D 58 -24.35 16.96 4.74
C GLY D 58 -24.51 18.26 3.96
N ALA D 59 -25.00 18.14 2.73
CA ALA D 59 -25.20 19.28 1.84
C ALA D 59 -26.18 20.29 2.45
N ALA D 60 -27.37 19.81 2.81
CA ALA D 60 -28.39 20.63 3.43
C ALA D 60 -27.77 21.33 4.63
N GLU D 61 -27.05 20.58 5.45
CA GLU D 61 -26.40 21.13 6.62
C GLU D 61 -25.51 22.33 6.31
N ALA D 62 -24.67 22.16 5.29
CA ALA D 62 -23.74 23.20 4.88
C ALA D 62 -24.43 24.38 4.18
N ALA D 63 -25.43 24.08 3.35
CA ALA D 63 -26.17 25.13 2.64
C ALA D 63 -26.76 26.13 3.65
N ALA D 64 -27.23 25.62 4.78
CA ALA D 64 -27.80 26.43 5.84
C ALA D 64 -26.72 27.28 6.56
N ALA D 65 -25.63 26.62 7.00
CA ALA D 65 -24.54 27.32 7.69
C ALA D 65 -24.13 28.53 6.87
N LEU D 66 -24.21 28.35 5.55
CA LEU D 66 -23.89 29.36 4.56
C LEU D 66 -24.97 30.45 4.52
N ALA D 67 -26.23 30.05 4.64
CA ALA D 67 -27.30 31.04 4.61
C ALA D 67 -27.11 31.96 5.80
N ALA D 68 -26.82 31.39 6.96
CA ALA D 68 -26.57 32.22 8.14
C ALA D 68 -25.14 32.75 7.97
N GLY D 69 -24.56 33.31 9.02
CA GLY D 69 -23.20 33.82 8.89
C GLY D 69 -22.32 32.60 8.79
N GLU D 70 -22.28 31.88 9.91
CA GLU D 70 -21.54 30.64 10.11
C GLU D 70 -20.41 30.28 9.16
N ALA D 71 -19.22 30.80 9.45
CA ALA D 71 -18.02 30.52 8.66
C ALA D 71 -17.54 29.08 8.87
N ASP D 72 -16.58 28.64 8.05
CA ASP D 72 -16.04 27.27 8.14
C ASP D 72 -14.71 27.32 8.87
N GLU D 73 -14.66 26.70 10.05
CA GLU D 73 -13.46 26.67 10.89
C GLU D 73 -12.91 25.26 10.98
N PRO D 74 -12.31 24.76 9.89
CA PRO D 74 -11.73 23.40 9.80
C PRO D 74 -11.07 22.90 11.06
N VAL D 75 -11.52 21.73 11.50
CA VAL D 75 -10.97 21.15 12.70
C VAL D 75 -10.86 19.64 12.55
N ILE D 76 -10.12 19.01 13.44
CA ILE D 76 -9.95 17.55 13.48
C ILE D 76 -11.04 16.93 14.38
N LEU D 77 -11.85 16.04 13.82
CA LEU D 77 -12.91 15.42 14.58
C LEU D 77 -12.48 14.40 15.62
N GLU D 78 -13.48 13.95 16.37
CA GLU D 78 -13.36 12.92 17.38
C GLU D 78 -14.53 12.00 17.03
N ALA D 79 -14.36 10.71 17.23
CA ALA D 79 -15.43 9.79 16.91
C ALA D 79 -16.40 9.73 18.08
N PRO D 80 -17.68 9.47 17.81
CA PRO D 80 -18.64 9.39 18.92
C PRO D 80 -18.13 8.36 19.93
N ALA D 81 -18.76 8.25 21.08
CA ALA D 81 -18.26 7.30 22.06
C ALA D 81 -18.51 5.87 21.56
N PRO D 82 -17.65 4.94 21.97
CA PRO D 82 -17.82 3.54 21.55
C PRO D 82 -19.18 3.03 22.04
N ASP D 83 -19.85 2.22 21.23
CA ASP D 83 -21.12 1.64 21.66
C ASP D 83 -21.19 0.21 21.12
N ALA D 84 -22.21 -0.54 21.54
CA ALA D 84 -22.39 -1.92 21.11
C ALA D 84 -22.71 -2.05 19.62
N ARG D 85 -22.87 -0.91 18.94
CA ARG D 85 -23.20 -0.92 17.53
C ARG D 85 -22.05 -0.55 16.62
N ARG D 86 -20.88 -0.29 17.20
CA ARG D 86 -19.70 0.04 16.41
C ARG D 86 -19.07 -1.26 15.84
N VAL D 87 -18.57 -1.21 14.61
CA VAL D 87 -17.94 -2.39 14.02
C VAL D 87 -16.65 -2.01 13.29
N TYR D 88 -15.66 -2.91 13.33
CA TYR D 88 -14.38 -2.65 12.68
C TYR D 88 -14.16 -3.63 11.53
N ILE D 89 -13.68 -3.11 10.41
CA ILE D 89 -13.43 -3.91 9.23
C ILE D 89 -11.97 -3.81 8.84
N GLN D 90 -11.20 -4.81 9.27
CA GLN D 90 -9.78 -4.86 8.95
C GLN D 90 -9.76 -5.30 7.51
N ASP D 91 -8.73 -4.92 6.79
CA ASP D 91 -8.64 -5.30 5.39
C ASP D 91 -7.23 -5.75 5.04
N PRO D 92 -6.99 -7.08 5.09
CA PRO D 92 -5.68 -7.68 4.79
C PRO D 92 -5.21 -7.30 3.40
N ALA D 93 -6.18 -6.98 2.53
CA ALA D 93 -5.91 -6.54 1.17
C ALA D 93 -5.12 -7.54 0.34
N HIS D 94 -5.42 -8.83 0.49
CA HIS D 94 -4.74 -9.86 -0.26
C HIS D 94 -3.25 -9.86 -0.17
N PHE D 95 -2.74 -9.78 1.06
CA PHE D 95 -1.29 -9.77 1.33
C PHE D 95 -0.55 -8.52 0.87
N ALA D 96 -1.18 -7.34 0.97
CA ALA D 96 -0.50 -6.09 0.58
C ALA D 96 0.46 -5.75 1.76
N ALA D 97 1.52 -4.99 1.53
CA ALA D 97 2.44 -4.73 2.62
C ALA D 97 1.88 -3.78 3.66
N ILE D 98 0.88 -2.99 3.31
CA ILE D 98 0.22 -2.09 4.27
C ILE D 98 -1.27 -2.35 4.09
N THR D 99 -2.05 -1.95 5.09
CA THR D 99 -3.47 -2.23 5.07
C THR D 99 -4.28 -1.20 5.84
N GLN D 100 -5.59 -1.32 5.76
CA GLN D 100 -6.44 -0.38 6.47
C GLN D 100 -7.56 -1.09 7.17
N GLN D 101 -8.08 -0.44 8.20
CA GLN D 101 -9.20 -0.91 9.01
C GLN D 101 -10.19 0.24 9.10
N PHE D 102 -11.48 -0.04 8.92
CA PHE D 102 -12.48 1.02 8.97
C PHE D 102 -13.33 0.87 10.20
N VAL D 103 -13.58 1.98 10.90
CA VAL D 103 -14.42 1.97 12.10
C VAL D 103 -15.79 2.53 11.70
N ILE D 104 -16.83 1.71 11.84
CA ILE D 104 -18.18 2.06 11.36
C ILE D 104 -19.33 2.03 12.37
N ASP D 105 -20.23 3.01 12.33
CA ASP D 105 -21.38 2.94 13.23
C ASP D 105 -22.40 2.03 12.55
N GLY D 106 -22.61 0.87 13.15
CA GLY D 106 -23.53 -0.09 12.58
C GLY D 106 -24.99 0.32 12.48
N SER D 107 -25.44 1.13 13.42
CA SER D 107 -26.83 1.57 13.42
C SER D 107 -27.15 2.41 12.19
N THR D 108 -26.13 3.07 11.63
CA THR D 108 -26.35 3.95 10.47
C THR D 108 -25.49 3.70 9.22
N GLY D 109 -24.42 2.92 9.39
CA GLY D 109 -23.54 2.64 8.28
C GLY D 109 -22.56 3.76 7.96
N ARG D 110 -22.40 4.71 8.89
CA ARG D 110 -21.49 5.84 8.70
C ARG D 110 -20.11 5.58 9.25
N ILE D 111 -19.11 5.88 8.44
CA ILE D 111 -17.71 5.67 8.86
C ILE D 111 -17.32 6.74 9.88
N LEU D 112 -16.81 6.29 11.01
CA LEU D 112 -16.41 7.20 12.07
C LEU D 112 -14.96 7.62 11.90
N GLY D 113 -14.15 6.69 11.44
CA GLY D 113 -12.74 6.96 11.21
C GLY D 113 -12.05 5.71 10.68
N MET D 114 -10.73 5.79 10.53
CA MET D 114 -9.93 4.68 10.02
C MET D 114 -8.65 4.48 10.80
N THR D 115 -7.97 3.39 10.46
CA THR D 115 -6.70 3.06 11.09
C THR D 115 -5.76 2.43 10.08
N ASP D 116 -4.50 2.87 10.09
CA ASP D 116 -3.52 2.33 9.19
C ASP D 116 -2.76 1.24 9.94
N GLY D 117 -2.46 0.14 9.23
CA GLY D 117 -1.72 -0.97 9.80
C GLY D 117 -0.72 -1.47 8.75
N GLY D 118 0.22 -2.33 9.15
CA GLY D 118 1.20 -2.82 8.19
C GLY D 118 0.83 -4.10 7.46
N PHE D 119 1.71 -5.10 7.60
CA PHE D 119 1.58 -6.40 6.97
C PHE D 119 0.76 -7.39 7.78
N LEU D 120 -0.38 -7.80 7.23
CA LEU D 120 -1.25 -8.78 7.87
C LEU D 120 -1.42 -8.55 9.35
N PRO D 121 -1.76 -7.32 9.74
CA PRO D 121 -1.94 -7.00 11.15
C PRO D 121 -3.15 -7.67 11.77
N HIS D 122 -3.14 -7.79 13.10
CA HIS D 122 -4.23 -8.40 13.84
C HIS D 122 -5.00 -7.43 14.75
N PRO D 123 -6.31 -7.26 14.51
CA PRO D 123 -7.02 -6.31 15.37
C PRO D 123 -7.68 -6.94 16.58
N VAL D 124 -7.89 -6.15 17.62
CA VAL D 124 -8.55 -6.64 18.84
C VAL D 124 -9.28 -5.45 19.44
N ALA D 125 -10.34 -5.69 20.21
CA ALA D 125 -11.06 -4.57 20.85
C ALA D 125 -11.58 -4.92 22.24
N ALA D 126 -11.05 -4.24 23.27
CA ALA D 126 -11.47 -4.48 24.65
C ALA D 126 -12.99 -4.46 24.67
N GLU D 127 -13.60 -5.58 25.06
CA GLU D 127 -15.05 -5.67 25.10
C GLU D 127 -15.79 -4.51 25.73
N ASP D 128 -15.21 -3.87 26.74
CA ASP D 128 -15.88 -2.73 27.37
C ASP D 128 -15.71 -1.39 26.63
N GLY D 129 -14.96 -1.40 25.54
CA GLY D 129 -14.76 -0.20 24.73
C GLY D 129 -13.76 0.85 25.19
N SER D 130 -12.93 0.49 26.15
CA SER D 130 -11.92 1.41 26.66
C SER D 130 -10.87 1.67 25.60
N PHE D 131 -10.83 0.82 24.58
CA PHE D 131 -9.87 0.99 23.49
C PHE D 131 -9.87 -0.14 22.49
N PHE D 132 -9.05 0.02 21.44
CA PHE D 132 -8.89 -1.03 20.44
C PHE D 132 -7.43 -1.00 20.02
N ALA D 133 -6.88 -2.16 19.67
CA ALA D 133 -5.46 -2.19 19.34
C ALA D 133 -5.18 -2.99 18.11
N GLN D 134 -3.91 -3.30 17.88
CA GLN D 134 -3.54 -4.12 16.74
C GLN D 134 -2.10 -4.53 16.90
N ALA D 135 -1.73 -5.66 16.29
CA ALA D 135 -0.34 -6.10 16.29
C ALA D 135 0.01 -5.94 14.81
N SER D 136 1.04 -5.11 14.52
CA SER D 136 1.45 -4.85 13.12
C SER D 136 2.94 -5.09 12.78
N THR D 137 3.25 -5.12 11.49
CA THR D 137 4.60 -5.36 11.00
C THR D 137 4.96 -4.39 9.85
N VAL D 138 6.11 -3.71 9.97
CA VAL D 138 6.59 -2.77 8.94
C VAL D 138 8.03 -3.15 8.52
N PHE D 139 8.51 -2.55 7.44
CA PHE D 139 9.82 -2.86 6.93
C PHE D 139 10.57 -1.60 6.63
N GLU D 140 11.90 -1.69 6.56
CA GLU D 140 12.72 -0.52 6.30
C GLU D 140 12.44 0.13 4.94
N ARG D 141 12.26 -0.70 3.92
CA ARG D 141 12.00 -0.22 2.58
C ARG D 141 10.73 -0.87 2.04
N ILE D 142 9.59 -0.28 2.36
CA ILE D 142 8.29 -0.83 1.93
C ILE D 142 8.08 -2.32 2.26
N ALA D 143 8.58 -3.21 1.42
CA ALA D 143 8.37 -4.62 1.68
C ALA D 143 9.64 -5.30 2.03
N ARG D 144 10.77 -4.59 1.99
CA ARG D 144 12.06 -5.23 2.36
C ARG D 144 12.96 -4.52 3.37
N GLY D 145 13.86 -5.28 3.97
CA GLY D 145 14.80 -4.77 4.96
C GLY D 145 14.36 -4.96 6.40
N LYS D 146 15.17 -4.47 7.34
CA LYS D 146 14.89 -4.58 8.77
C LYS D 146 13.39 -4.60 9.05
N ARG D 147 12.94 -5.70 9.67
CA ARG D 147 11.54 -5.88 10.02
C ARG D 147 11.29 -5.39 11.45
N THR D 148 10.07 -4.91 11.70
CA THR D 148 9.68 -4.43 13.01
C THR D 148 8.25 -4.89 13.23
N ASP D 149 8.03 -5.66 14.29
CA ASP D 149 6.68 -6.10 14.66
C ASP D 149 6.41 -5.24 15.88
N TYR D 150 5.16 -4.82 16.06
CA TYR D 150 4.84 -3.97 17.21
C TYR D 150 3.36 -4.03 17.50
N VAL D 151 2.99 -3.50 18.67
CA VAL D 151 1.59 -3.44 19.04
C VAL D 151 1.23 -1.99 19.28
N GLU D 152 0.04 -1.60 18.85
CA GLU D 152 -0.43 -0.24 19.05
C GLU D 152 -1.77 -0.26 19.74
N VAL D 153 -1.96 0.67 20.66
CA VAL D 153 -3.24 0.82 21.35
C VAL D 153 -3.77 2.21 21.01
N PHE D 154 -5.00 2.27 20.51
CA PHE D 154 -5.64 3.51 20.09
C PHE D 154 -6.70 4.00 21.05
N ASP D 155 -6.69 5.30 21.34
CA ASP D 155 -7.73 5.90 22.19
C ASP D 155 -8.99 5.60 21.39
N PRO D 156 -10.07 5.20 22.06
CA PRO D 156 -11.30 4.88 21.32
C PRO D 156 -12.09 5.99 20.64
N VAL D 157 -11.83 7.25 20.99
CA VAL D 157 -12.54 8.41 20.39
C VAL D 157 -11.65 9.34 19.58
N THR D 158 -10.36 9.43 19.93
CA THR D 158 -9.42 10.28 19.20
C THR D 158 -8.65 9.43 18.17
N PHE D 159 -8.69 8.12 18.31
CA PHE D 159 -7.99 7.23 17.40
C PHE D 159 -6.50 7.45 17.39
N LEU D 160 -6.02 8.26 18.33
CA LEU D 160 -4.59 8.54 18.44
C LEU D 160 -3.88 7.35 19.09
N PRO D 161 -2.69 6.99 18.60
CA PRO D 161 -1.89 5.87 19.12
C PRO D 161 -1.37 6.14 20.53
N ILE D 162 -2.04 5.69 21.58
CA ILE D 162 -1.54 5.99 22.91
C ILE D 162 -0.45 5.04 23.39
N ALA D 163 -0.10 4.06 22.56
CA ALA D 163 0.98 3.12 22.88
C ALA D 163 1.52 2.41 21.63
N ASP D 164 2.85 2.34 21.53
CA ASP D 164 3.52 1.71 20.40
C ASP D 164 4.63 0.88 21.03
N ILE D 165 4.34 -0.41 21.18
CA ILE D 165 5.24 -1.37 21.81
C ILE D 165 5.86 -2.36 20.83
N GLU D 166 7.17 -2.28 20.71
CA GLU D 166 7.90 -3.15 19.82
C GLU D 166 8.01 -4.57 20.38
N LEU D 167 7.87 -5.53 19.46
CA LEU D 167 7.94 -6.95 19.79
C LEU D 167 9.32 -7.45 19.38
N PRO D 168 10.15 -7.86 20.33
CA PRO D 168 11.50 -8.36 20.07
C PRO D 168 11.61 -9.52 19.09
N ASP D 169 12.57 -9.43 18.18
CA ASP D 169 12.84 -10.46 17.19
C ASP D 169 11.68 -10.80 16.27
N ALA D 170 10.98 -9.80 15.77
CA ALA D 170 9.85 -10.01 14.84
C ALA D 170 9.24 -11.39 15.06
N PRO D 171 8.47 -11.52 16.14
CA PRO D 171 7.86 -12.82 16.42
C PRO D 171 6.43 -13.06 15.89
N ARG D 172 5.87 -12.15 15.12
CA ARG D 172 4.50 -12.36 14.66
C ARG D 172 4.32 -13.46 13.61
N PHE D 173 3.30 -14.29 13.80
CA PHE D 173 2.97 -15.33 12.84
C PHE D 173 2.36 -14.60 11.63
N LEU D 174 3.10 -14.54 10.52
CA LEU D 174 2.61 -13.88 9.32
C LEU D 174 1.67 -14.87 8.64
N VAL D 175 0.38 -14.59 8.73
CA VAL D 175 -0.63 -15.49 8.18
C VAL D 175 -1.93 -14.80 7.92
N GLY D 176 -2.73 -15.36 7.02
CA GLY D 176 -4.05 -14.81 6.75
C GLY D 176 -4.66 -14.63 8.12
N THR D 177 -5.39 -13.55 8.32
CA THR D 177 -5.94 -13.25 9.63
C THR D 177 -7.24 -13.97 9.99
N TYR D 178 -7.19 -14.66 11.13
CA TYR D 178 -8.34 -15.38 11.72
C TYR D 178 -8.60 -14.73 13.11
N GLN D 179 -9.84 -14.28 13.29
CA GLN D 179 -10.37 -13.65 14.48
C GLN D 179 -9.66 -13.87 15.82
N TRP D 180 -9.57 -15.12 16.24
CA TRP D 180 -8.98 -15.35 17.51
C TRP D 180 -7.54 -15.87 17.55
N MET D 181 -6.73 -15.52 16.54
CA MET D 181 -5.35 -15.98 16.53
C MET D 181 -4.55 -15.14 17.52
N ASN D 182 -5.16 -14.04 17.94
CA ASN D 182 -4.58 -13.15 18.93
C ASN D 182 -5.74 -12.78 19.83
N ALA D 183 -5.39 -12.34 21.04
CA ALA D 183 -6.42 -11.90 21.98
C ALA D 183 -5.89 -11.12 23.18
N LEU D 184 -6.82 -10.37 23.77
CA LEU D 184 -6.57 -9.55 24.95
C LEU D 184 -7.08 -10.31 26.16
N THR D 185 -6.33 -10.28 27.26
CA THR D 185 -6.77 -10.94 28.47
C THR D 185 -8.11 -10.24 28.80
N PRO D 186 -8.99 -10.89 29.56
CA PRO D 186 -10.29 -10.25 29.88
C PRO D 186 -10.20 -8.99 30.74
N ASP D 187 -9.08 -8.82 31.42
CA ASP D 187 -8.85 -7.66 32.27
C ASP D 187 -8.20 -6.55 31.44
N ASN D 188 -8.02 -6.81 30.15
CA ASN D 188 -7.41 -5.86 29.21
C ASN D 188 -6.02 -5.35 29.58
N LYS D 189 -5.26 -6.11 30.34
CA LYS D 189 -3.94 -5.68 30.73
C LYS D 189 -2.85 -6.25 29.86
N ASN D 190 -3.21 -7.21 29.02
CA ASN D 190 -2.24 -7.81 28.10
C ASN D 190 -2.80 -8.17 26.76
N LEU D 191 -1.91 -8.36 25.80
CA LEU D 191 -2.33 -8.77 24.48
C LEU D 191 -1.49 -10.00 24.20
N LEU D 192 -2.15 -11.05 23.73
CA LEU D 192 -1.45 -12.28 23.45
C LEU D 192 -1.47 -12.58 21.94
N PHE D 193 -0.29 -12.85 21.38
CA PHE D 193 -0.20 -13.17 19.98
C PHE D 193 0.62 -14.44 19.82
N TYR D 194 0.52 -15.06 18.67
CA TYR D 194 1.19 -16.32 18.38
C TYR D 194 2.37 -16.20 17.48
N GLN D 195 3.38 -17.02 17.74
CA GLN D 195 4.58 -17.12 16.90
C GLN D 195 4.49 -18.54 16.32
N PHE D 196 4.78 -18.69 15.03
CA PHE D 196 4.73 -20.01 14.41
C PHE D 196 6.14 -20.63 14.29
N SER D 197 7.04 -19.95 13.58
CA SER D 197 8.44 -20.37 13.42
C SER D 197 9.29 -19.44 14.27
N PRO D 198 10.42 -19.93 14.84
CA PRO D 198 11.05 -21.26 14.80
C PRO D 198 10.31 -22.34 15.63
N ALA D 199 9.50 -21.90 16.56
CA ALA D 199 8.77 -22.84 17.37
C ALA D 199 7.53 -22.17 17.94
N PRO D 200 6.50 -22.95 18.25
CA PRO D 200 5.24 -22.44 18.81
C PRO D 200 5.54 -21.60 20.07
N ALA D 201 4.92 -20.43 20.16
CA ALA D 201 5.11 -19.57 21.32
C ALA D 201 4.06 -18.49 21.41
N VAL D 202 3.77 -18.06 22.62
CA VAL D 202 2.81 -16.99 22.78
C VAL D 202 3.50 -15.82 23.44
N GLY D 203 3.34 -14.66 22.82
CA GLY D 203 3.95 -13.46 23.33
C GLY D 203 3.00 -12.69 24.22
N VAL D 204 3.53 -12.23 25.35
CA VAL D 204 2.73 -11.43 26.26
C VAL D 204 3.10 -9.95 26.16
N VAL D 205 2.12 -9.13 25.80
CA VAL D 205 2.32 -7.70 25.68
C VAL D 205 1.59 -7.01 26.79
N ASP D 206 2.32 -6.31 27.65
CA ASP D 206 1.75 -5.60 28.80
C ASP D 206 1.20 -4.26 28.38
N LEU D 207 -0.13 -4.15 28.30
CA LEU D 207 -0.74 -2.89 27.85
C LEU D 207 -0.80 -1.81 28.93
N GLU D 208 -0.82 -2.22 30.18
CA GLU D 208 -0.86 -1.29 31.29
C GLU D 208 0.51 -0.60 31.48
N GLY D 209 1.59 -1.39 31.43
CA GLY D 209 2.91 -0.81 31.59
C GLY D 209 3.55 -0.47 30.26
N LYS D 210 2.76 -0.63 29.19
CA LYS D 210 3.22 -0.37 27.84
C LYS D 210 4.59 -0.96 27.53
N THR D 211 4.68 -2.29 27.59
CA THR D 211 5.94 -2.98 27.30
C THR D 211 5.75 -4.46 26.97
N PHE D 212 6.80 -5.07 26.42
CA PHE D 212 6.77 -6.48 26.06
C PHE D 212 7.16 -7.32 27.28
N ASP D 213 6.27 -8.22 27.67
CA ASP D 213 6.53 -9.08 28.82
C ASP D 213 7.55 -10.16 28.49
N ARG D 214 7.10 -11.23 27.87
CA ARG D 214 7.98 -12.32 27.53
C ARG D 214 7.25 -13.28 26.60
N MET D 215 7.97 -14.31 26.15
CA MET D 215 7.38 -15.30 25.28
C MET D 215 7.12 -16.53 26.13
N LEU D 216 5.96 -17.15 25.91
CA LEU D 216 5.61 -18.34 26.64
C LEU D 216 5.79 -19.46 25.65
N ASP D 217 6.42 -20.53 26.09
CA ASP D 217 6.65 -21.66 25.22
C ASP D 217 5.40 -22.54 25.31
N VAL D 218 4.83 -22.89 24.17
CA VAL D 218 3.65 -23.73 24.17
C VAL D 218 3.80 -24.89 23.18
N PRO D 219 2.89 -25.88 23.25
CA PRO D 219 2.89 -27.06 22.38
C PRO D 219 2.46 -26.72 20.96
N ASP D 220 2.44 -27.74 20.10
CA ASP D 220 2.04 -27.54 18.72
C ASP D 220 0.53 -27.32 18.72
N CYS D 221 0.15 -26.08 19.06
CA CYS D 221 -1.22 -25.61 19.14
C CYS D 221 -1.33 -24.23 18.46
N TYR D 222 -2.54 -23.86 18.09
CA TYR D 222 -2.82 -22.61 17.40
C TYR D 222 -4.07 -21.90 17.93
N HIS D 223 -4.16 -20.59 17.71
CA HIS D 223 -5.24 -19.74 18.21
C HIS D 223 -5.05 -19.58 19.71
N ILE D 224 -5.69 -18.54 20.26
CA ILE D 224 -5.61 -18.22 21.68
C ILE D 224 -7.00 -17.85 22.15
N PHE D 225 -7.43 -18.41 23.28
CA PHE D 225 -8.76 -18.11 23.82
C PHE D 225 -8.69 -17.85 25.32
N PRO D 226 -8.51 -16.58 25.75
CA PRO D 226 -8.44 -16.29 27.18
C PRO D 226 -9.69 -16.65 27.96
N ALA D 227 -9.49 -16.94 29.24
CA ALA D 227 -10.61 -17.30 30.12
C ALA D 227 -10.46 -16.56 31.41
N SER D 228 -9.29 -15.97 31.60
CA SER D 228 -8.98 -15.28 32.82
C SER D 228 -7.66 -14.54 32.64
N PRO D 229 -7.33 -13.60 33.54
CA PRO D 229 -6.09 -12.83 33.46
C PRO D 229 -4.83 -13.61 33.13
N THR D 230 -4.75 -14.88 33.54
CA THR D 230 -3.53 -15.61 33.24
C THR D 230 -3.74 -16.98 32.63
N VAL D 231 -4.92 -17.22 32.12
CA VAL D 231 -5.18 -18.48 31.48
C VAL D 231 -5.94 -18.31 30.14
N PHE D 232 -5.45 -19.03 29.13
CA PHE D 232 -6.03 -19.08 27.79
C PHE D 232 -5.80 -20.48 27.24
N TYR D 233 -6.59 -20.83 26.23
CA TYR D 233 -6.51 -22.15 25.61
C TYR D 233 -6.16 -22.03 24.11
N MET D 234 -5.58 -23.09 23.55
CA MET D 234 -5.19 -23.14 22.14
C MET D 234 -5.64 -24.48 21.54
N ASN D 235 -5.93 -24.52 20.25
CA ASN D 235 -6.33 -25.78 19.62
C ASN D 235 -5.06 -26.47 19.14
N CYS D 236 -4.84 -27.69 19.57
CA CYS D 236 -3.60 -28.38 19.20
C CYS D 236 -3.64 -29.35 18.02
N ARG D 237 -2.46 -29.67 17.49
CA ARG D 237 -2.35 -30.61 16.38
C ARG D 237 -2.81 -32.01 16.78
N ASP D 238 -2.56 -32.38 18.03
CA ASP D 238 -2.93 -33.69 18.56
C ASP D 238 -4.45 -33.96 18.77
N GLY D 239 -5.31 -33.03 18.34
CA GLY D 239 -6.74 -33.24 18.47
C GLY D 239 -7.38 -32.68 19.75
N SER D 240 -6.56 -32.16 20.67
CA SER D 240 -7.05 -31.60 21.93
C SER D 240 -6.89 -30.07 22.02
N LEU D 241 -7.10 -29.52 23.21
CA LEU D 241 -6.89 -28.09 23.49
C LEU D 241 -5.79 -28.05 24.52
N ALA D 242 -5.03 -26.97 24.52
CA ALA D 242 -3.95 -26.77 25.49
C ALA D 242 -4.42 -25.67 26.43
N ARG D 243 -4.17 -25.88 27.74
CA ARG D 243 -4.52 -24.89 28.74
C ARG D 243 -3.20 -24.31 29.25
N VAL D 244 -2.97 -23.03 29.00
CA VAL D 244 -1.72 -22.41 29.44
C VAL D 244 -1.94 -21.39 30.55
N ASP D 245 -1.26 -21.62 31.68
CA ASP D 245 -1.33 -20.65 32.77
C ASP D 245 0.02 -20.00 32.78
N PHE D 246 0.04 -18.68 32.59
CA PHE D 246 1.28 -17.92 32.57
C PHE D 246 1.44 -17.01 33.77
N ALA D 247 0.72 -17.29 34.86
CA ALA D 247 0.82 -16.49 36.06
C ALA D 247 2.16 -16.60 36.76
N ASP D 248 2.48 -15.58 37.54
CA ASP D 248 3.70 -15.51 38.33
C ASP D 248 4.99 -15.85 37.61
N GLY D 249 5.23 -15.18 36.50
CA GLY D 249 6.46 -15.39 35.77
C GLY D 249 6.75 -16.77 35.22
N GLU D 250 5.78 -17.67 35.21
CA GLU D 250 6.04 -18.97 34.64
C GLU D 250 4.85 -19.56 33.92
N THR D 251 5.12 -20.56 33.10
CA THR D 251 4.10 -21.20 32.30
C THR D 251 3.94 -22.70 32.57
N LYS D 252 2.71 -23.14 32.82
CA LYS D 252 2.39 -24.55 33.09
C LYS D 252 1.34 -24.98 32.08
N VAL D 253 1.70 -25.92 31.22
CA VAL D 253 0.81 -26.37 30.18
C VAL D 253 0.08 -27.68 30.44
N THR D 254 -1.18 -27.74 30.04
CA THR D 254 -1.97 -28.92 30.21
C THR D 254 -2.72 -29.19 28.91
N ASN D 255 -3.21 -30.40 28.77
CA ASN D 255 -3.92 -30.78 27.57
C ASN D 255 -5.25 -31.41 27.89
N THR D 256 -6.33 -30.90 27.31
CA THR D 256 -7.58 -31.57 27.58
C THR D 256 -7.55 -32.85 26.78
N GLU D 257 -8.64 -33.58 26.87
CA GLU D 257 -8.78 -34.82 26.13
C GLU D 257 -9.07 -34.46 24.67
N VAL D 258 -8.81 -35.39 23.77
CA VAL D 258 -9.07 -35.17 22.35
C VAL D 258 -10.59 -35.07 22.16
N PHE D 259 -11.04 -34.08 21.40
CA PHE D 259 -12.48 -33.95 21.21
C PHE D 259 -12.88 -34.07 19.75
N HIS D 260 -11.96 -34.56 18.92
CA HIS D 260 -12.26 -34.72 17.50
C HIS D 260 -11.20 -35.58 16.80
N THR D 261 -11.57 -36.11 15.64
CA THR D 261 -10.67 -36.97 14.89
C THR D 261 -9.94 -36.27 13.75
N GLU D 262 -8.94 -36.94 13.20
CA GLU D 262 -8.18 -36.38 12.10
C GLU D 262 -9.03 -36.21 10.87
N ASP D 263 -10.21 -36.82 10.90
CA ASP D 263 -11.14 -36.73 9.79
C ASP D 263 -12.07 -35.53 9.97
N GLU D 264 -12.15 -35.07 11.20
CA GLU D 264 -12.97 -33.92 11.56
C GLU D 264 -12.12 -32.63 11.59
N LEU D 265 -12.25 -31.85 10.52
CA LEU D 265 -11.49 -30.62 10.32
C LEU D 265 -12.15 -29.39 10.91
N LEU D 266 -11.53 -28.88 11.98
CA LEU D 266 -11.99 -27.68 12.67
C LEU D 266 -11.56 -26.54 11.74
N ILE D 267 -12.47 -25.64 11.38
CA ILE D 267 -12.08 -24.55 10.47
C ILE D 267 -11.13 -23.55 11.15
N ASN D 268 -10.66 -22.59 10.38
CA ASN D 268 -9.74 -21.64 10.95
C ASN D 268 -10.48 -20.51 11.64
N HIS D 269 -11.79 -20.49 11.45
CA HIS D 269 -12.61 -19.41 12.00
C HIS D 269 -13.63 -19.71 13.10
N PRO D 270 -13.14 -20.06 14.29
CA PRO D 270 -14.05 -20.36 15.41
C PRO D 270 -14.65 -19.12 16.04
N ALA D 271 -15.87 -19.20 16.53
CA ALA D 271 -16.44 -18.04 17.20
C ALA D 271 -16.01 -18.14 18.67
N PHE D 272 -16.20 -17.07 19.43
CA PHE D 272 -15.81 -17.08 20.84
C PHE D 272 -16.24 -15.80 21.56
N SER D 273 -16.55 -15.94 22.84
CA SER D 273 -16.96 -14.80 23.63
C SER D 273 -16.13 -14.70 24.90
N LEU D 274 -15.24 -13.73 24.94
CA LEU D 274 -14.40 -13.53 26.11
C LEU D 274 -15.25 -13.40 27.38
N ARG D 275 -16.37 -12.68 27.29
CA ARG D 275 -17.26 -12.48 28.44
C ARG D 275 -17.81 -13.79 29.00
N SER D 276 -18.51 -14.58 28.19
CA SER D 276 -19.09 -15.81 28.70
C SER D 276 -18.19 -17.06 28.64
N GLY D 277 -17.11 -17.01 27.87
CA GLY D 277 -16.24 -18.18 27.78
C GLY D 277 -16.64 -19.21 26.72
N ARG D 278 -17.79 -19.00 26.08
CA ARG D 278 -18.27 -19.92 25.05
C ARG D 278 -17.39 -19.92 23.80
N LEU D 279 -16.96 -21.11 23.40
CA LEU D 279 -16.15 -21.28 22.19
C LEU D 279 -17.05 -22.12 21.28
N VAL D 280 -17.16 -21.73 20.02
CA VAL D 280 -17.98 -22.42 19.02
C VAL D 280 -17.08 -22.73 17.82
N TRP D 281 -16.83 -24.01 17.55
CA TRP D 281 -15.92 -24.35 16.47
C TRP D 281 -16.45 -25.33 15.44
N PRO D 282 -16.62 -24.89 14.20
CA PRO D 282 -17.14 -25.93 13.32
C PRO D 282 -16.08 -26.78 12.63
N THR D 283 -16.55 -27.60 11.70
CA THR D 283 -15.69 -28.46 10.89
C THR D 283 -16.20 -28.12 9.52
N TYR D 284 -15.46 -28.53 8.48
CA TYR D 284 -15.84 -28.24 7.10
C TYR D 284 -17.27 -28.65 6.78
N THR D 285 -17.86 -29.52 7.59
CA THR D 285 -19.22 -30.00 7.37
C THR D 285 -20.31 -29.28 8.15
N GLY D 286 -19.91 -28.50 9.15
CA GLY D 286 -20.90 -27.77 9.93
C GLY D 286 -21.13 -28.44 11.27
N LYS D 287 -20.38 -29.50 11.56
CA LYS D 287 -20.54 -30.14 12.84
C LYS D 287 -19.88 -29.16 13.77
N ILE D 288 -20.46 -28.96 14.96
CA ILE D 288 -19.94 -27.97 15.88
C ILE D 288 -19.66 -28.39 17.29
N PHE D 289 -18.39 -28.38 17.65
CA PHE D 289 -17.96 -28.71 19.00
C PHE D 289 -17.93 -27.41 19.80
N GLN D 290 -18.56 -27.39 20.95
CA GLN D 290 -18.51 -26.18 21.75
C GLN D 290 -17.69 -26.54 22.96
N ALA D 291 -17.49 -25.57 23.84
CA ALA D 291 -16.73 -25.78 25.05
C ALA D 291 -16.87 -24.48 25.79
N ASP D 292 -16.94 -24.57 27.11
CA ASP D 292 -17.06 -23.36 27.90
C ASP D 292 -15.80 -23.35 28.71
N LEU D 293 -14.90 -22.45 28.32
CA LEU D 293 -13.61 -22.29 28.97
C LEU D 293 -13.80 -21.54 30.27
N THR D 294 -13.12 -21.98 31.33
CA THR D 294 -13.32 -21.33 32.59
C THR D 294 -12.09 -20.77 33.25
N ALA D 295 -11.02 -21.55 33.23
CA ALA D 295 -9.74 -21.21 33.86
C ALA D 295 -9.35 -22.54 34.47
N GLU D 296 -10.30 -23.15 35.17
CA GLU D 296 -10.08 -24.45 35.79
C GLU D 296 -9.89 -25.44 34.63
N GLY D 297 -10.59 -25.16 33.53
CA GLY D 297 -10.50 -26.02 32.37
C GLY D 297 -11.69 -25.94 31.43
N ALA D 298 -11.63 -26.70 30.35
CA ALA D 298 -12.68 -26.69 29.33
C ALA D 298 -13.69 -27.82 29.45
N THR D 299 -14.95 -27.41 29.44
CA THR D 299 -16.05 -28.33 29.56
C THR D 299 -16.81 -28.40 28.24
N PHE D 300 -16.48 -29.41 27.44
CA PHE D 300 -17.14 -29.58 26.16
C PHE D 300 -18.60 -29.87 26.26
N ARG D 301 -19.31 -29.58 25.19
CA ARG D 301 -20.73 -29.82 25.15
C ARG D 301 -20.99 -30.81 24.02
N ALA D 302 -22.22 -31.29 24.00
CA ALA D 302 -22.60 -32.24 22.99
C ALA D 302 -22.63 -31.55 21.64
N PRO D 303 -21.84 -32.06 20.67
CA PRO D 303 -21.76 -31.51 19.32
C PRO D 303 -23.12 -31.38 18.64
N ILE D 304 -23.31 -30.24 17.99
CA ILE D 304 -24.54 -29.92 17.28
C ILE D 304 -24.24 -29.87 15.79
N GLU D 305 -25.07 -30.52 14.99
CA GLU D 305 -24.83 -30.46 13.56
C GLU D 305 -25.57 -29.17 13.18
N ALA D 306 -24.85 -28.24 12.54
CA ALA D 306 -25.44 -26.97 12.16
C ALA D 306 -26.34 -27.16 10.97
N LEU D 307 -26.06 -28.19 10.18
CA LEU D 307 -26.85 -28.46 9.00
C LEU D 307 -27.65 -29.76 9.13
N THR D 308 -28.70 -29.88 8.31
CA THR D 308 -29.58 -31.05 8.35
C THR D 308 -29.10 -32.15 7.40
N GLU D 309 -29.27 -33.40 7.82
CA GLU D 309 -28.86 -34.55 7.03
C GLU D 309 -29.42 -34.43 5.61
N ALA D 310 -30.51 -33.70 5.46
CA ALA D 310 -31.14 -33.49 4.16
C ALA D 310 -30.33 -32.46 3.39
N GLU D 311 -29.83 -31.48 4.13
CA GLU D 311 -29.02 -30.42 3.56
C GLU D 311 -27.64 -31.00 3.30
N ARG D 312 -27.06 -31.60 4.33
CA ARG D 312 -25.75 -32.21 4.21
C ARG D 312 -25.84 -33.26 3.10
N ALA D 313 -27.09 -33.62 2.79
CA ALA D 313 -27.38 -34.60 1.75
C ALA D 313 -27.29 -33.92 0.38
N ASP D 314 -27.55 -32.63 0.37
CA ASP D 314 -27.50 -31.89 -0.87
C ASP D 314 -26.33 -30.88 -0.90
N ASP D 315 -25.13 -31.39 -0.64
CA ASP D 315 -23.91 -30.59 -0.68
C ASP D 315 -23.83 -29.33 0.18
N TRP D 316 -24.73 -29.14 1.14
CA TRP D 316 -24.61 -27.94 1.96
C TRP D 316 -23.38 -28.11 2.81
N ARG D 317 -22.61 -27.04 2.90
CA ARG D 317 -21.39 -27.03 3.64
C ARG D 317 -21.09 -25.59 3.94
N PRO D 318 -20.37 -25.33 5.04
CA PRO D 318 -20.00 -23.97 5.43
C PRO D 318 -18.86 -23.50 4.53
N GLY D 319 -18.83 -22.21 4.18
CA GLY D 319 -17.79 -21.70 3.32
C GLY D 319 -17.49 -20.22 3.51
N GLY D 320 -16.24 -19.82 3.28
CA GLY D 320 -15.89 -18.42 3.43
C GLY D 320 -14.64 -18.11 4.25
N TRP D 321 -14.69 -17.01 4.98
CA TRP D 321 -13.57 -16.60 5.80
C TRP D 321 -14.06 -16.69 7.24
N GLN D 322 -14.43 -15.54 7.83
CA GLN D 322 -14.95 -15.55 9.20
C GLN D 322 -16.45 -15.99 9.12
N GLN D 323 -16.68 -17.31 9.08
CA GLN D 323 -18.04 -17.85 8.94
C GLN D 323 -18.84 -18.16 10.21
N THR D 324 -18.25 -17.92 11.36
CA THR D 324 -18.92 -18.24 12.60
C THR D 324 -19.23 -17.08 13.51
N ALA D 325 -20.47 -16.99 13.98
CA ALA D 325 -20.83 -15.89 14.88
C ALA D 325 -21.59 -16.43 16.06
N TYR D 326 -21.24 -15.95 17.24
CA TYR D 326 -21.91 -16.37 18.45
C TYR D 326 -22.46 -15.14 19.18
N HIS D 327 -23.79 -15.01 19.23
CA HIS D 327 -24.39 -13.89 19.94
C HIS D 327 -24.49 -14.26 21.40
N ARG D 328 -23.63 -13.71 22.23
CA ARG D 328 -23.57 -14.05 23.66
C ARG D 328 -24.84 -13.94 24.47
N GLN D 329 -25.33 -12.72 24.63
CA GLN D 329 -26.54 -12.50 25.42
C GLN D 329 -27.70 -13.40 25.03
N SER D 330 -27.76 -13.82 23.78
CA SER D 330 -28.86 -14.67 23.31
C SER D 330 -28.52 -16.18 23.21
N ASP D 331 -27.23 -16.49 23.19
CA ASP D 331 -26.78 -17.87 23.09
C ASP D 331 -27.19 -18.42 21.73
N ARG D 332 -27.09 -17.59 20.71
CA ARG D 332 -27.42 -18.04 19.36
C ARG D 332 -26.16 -18.12 18.53
N ILE D 333 -26.22 -18.95 17.49
CA ILE D 333 -25.09 -19.13 16.63
C ILE D 333 -25.43 -18.83 15.17
N TYR D 334 -24.48 -18.20 14.49
CA TYR D 334 -24.67 -17.87 13.08
C TYR D 334 -23.49 -18.49 12.34
N LEU D 335 -23.83 -19.24 11.29
CA LEU D 335 -22.84 -19.90 10.44
C LEU D 335 -23.13 -19.67 8.95
N LEU D 336 -22.09 -19.23 8.24
CA LEU D 336 -22.15 -18.93 6.81
C LEU D 336 -22.14 -20.25 6.09
N VAL D 337 -23.04 -20.43 5.12
CA VAL D 337 -23.13 -21.70 4.36
C VAL D 337 -23.80 -21.57 3.01
N ASP D 338 -23.51 -22.51 2.15
CA ASP D 338 -24.04 -22.56 0.78
C ASP D 338 -23.80 -23.99 0.24
N GLN D 339 -24.29 -24.31 -0.96
CA GLN D 339 -24.04 -25.65 -1.51
C GLN D 339 -22.76 -25.51 -2.31
N ARG D 340 -21.75 -26.27 -1.93
CA ARG D 340 -20.43 -26.21 -2.57
C ARG D 340 -19.68 -27.54 -2.64
N ASP D 341 -18.60 -27.59 -3.43
CA ASP D 341 -17.77 -28.79 -3.52
C ASP D 341 -17.09 -28.84 -2.16
N GLU D 342 -16.62 -30.02 -1.77
CA GLU D 342 -16.00 -30.14 -0.46
C GLU D 342 -14.67 -29.42 -0.32
N TRP D 343 -14.05 -29.11 -1.45
CA TRP D 343 -12.78 -28.41 -1.46
C TRP D 343 -12.85 -26.97 -1.95
N LYS D 344 -14.00 -26.35 -1.68
CA LYS D 344 -14.27 -24.96 -2.05
C LYS D 344 -14.72 -24.22 -0.78
N HIS D 345 -14.08 -24.59 0.32
CA HIS D 345 -14.37 -24.05 1.64
C HIS D 345 -13.95 -22.62 1.91
N LYS D 346 -13.35 -22.00 0.91
CA LYS D 346 -12.95 -20.63 1.12
C LYS D 346 -13.72 -19.73 0.20
N ALA D 347 -14.52 -20.32 -0.68
CA ALA D 347 -15.34 -19.50 -1.59
C ALA D 347 -16.37 -18.75 -0.71
N ALA D 348 -17.10 -17.82 -1.29
CA ALA D 348 -18.08 -17.08 -0.50
C ALA D 348 -19.35 -17.94 -0.33
N SER D 349 -20.25 -17.50 0.54
CA SER D 349 -21.52 -18.18 0.80
C SER D 349 -22.62 -17.15 0.65
N ARG D 350 -23.86 -17.59 0.44
CA ARG D 350 -24.97 -16.65 0.26
C ARG D 350 -26.04 -16.81 1.33
N PHE D 351 -25.76 -17.62 2.35
CA PHE D 351 -26.73 -17.86 3.41
C PHE D 351 -26.12 -17.95 4.79
N VAL D 352 -26.96 -17.67 5.78
CA VAL D 352 -26.54 -17.76 7.15
C VAL D 352 -27.60 -18.51 7.90
N VAL D 353 -27.15 -19.50 8.66
CA VAL D 353 -28.04 -20.31 9.47
C VAL D 353 -27.90 -19.88 10.92
N VAL D 354 -29.04 -19.73 11.57
CA VAL D 354 -29.07 -19.33 12.98
C VAL D 354 -29.68 -20.51 13.73
N LEU D 355 -29.14 -20.81 14.90
CA LEU D 355 -29.65 -21.93 15.68
C LEU D 355 -29.36 -21.78 17.17
N ASN D 356 -30.11 -22.52 17.99
CA ASN D 356 -29.98 -22.49 19.45
C ASN D 356 -28.67 -23.17 19.87
N ALA D 357 -27.81 -22.47 20.59
CA ALA D 357 -26.53 -23.03 21.03
C ALA D 357 -26.67 -24.14 22.07
N GLU D 358 -27.85 -24.25 22.68
CA GLU D 358 -28.11 -25.24 23.70
C GLU D 358 -28.87 -26.46 23.17
N THR D 359 -29.84 -26.21 22.30
CA THR D 359 -30.62 -27.27 21.74
C THR D 359 -30.12 -27.73 20.37
N GLY D 360 -29.49 -26.82 19.64
CA GLY D 360 -29.00 -27.18 18.31
C GLY D 360 -30.10 -27.07 17.28
N GLU D 361 -31.25 -26.60 17.72
CA GLU D 361 -32.43 -26.43 16.88
C GLU D 361 -32.35 -25.13 16.06
N ARG D 362 -32.60 -25.24 14.76
CA ARG D 362 -32.57 -24.09 13.88
C ARG D 362 -33.62 -23.03 14.22
N ILE D 363 -33.20 -21.77 14.18
CA ILE D 363 -34.05 -20.63 14.48
C ILE D 363 -34.38 -19.89 13.20
N ASN D 364 -33.44 -19.88 12.26
CA ASN D 364 -33.66 -19.19 10.98
C ASN D 364 -32.57 -19.52 9.98
N LYS D 365 -32.87 -19.21 8.72
CA LYS D 365 -31.91 -19.39 7.64
C LYS D 365 -32.06 -18.13 6.79
N ILE D 366 -31.15 -17.19 7.02
CA ILE D 366 -31.15 -15.90 6.35
C ILE D 366 -30.52 -15.96 4.96
N GLU D 367 -31.16 -15.29 4.00
CA GLU D 367 -30.68 -15.23 2.63
C GLU D 367 -30.08 -13.87 2.44
N LEU D 368 -28.75 -13.84 2.35
CA LEU D 368 -27.97 -12.60 2.22
C LEU D 368 -28.22 -11.78 0.95
N GLY D 369 -28.31 -12.45 -0.19
CA GLY D 369 -28.54 -11.75 -1.44
C GLY D 369 -27.23 -11.33 -2.10
N HIS D 370 -26.12 -11.73 -1.48
CA HIS D 370 -24.78 -11.40 -1.97
C HIS D 370 -23.74 -12.47 -1.60
N GLU D 371 -22.66 -12.50 -2.39
CA GLU D 371 -21.54 -13.40 -2.14
C GLU D 371 -20.91 -12.74 -0.91
N ILE D 372 -20.90 -13.47 0.21
CA ILE D 372 -20.35 -12.96 1.44
C ILE D 372 -19.23 -13.87 1.87
N ASP D 373 -18.25 -13.29 2.57
CA ASP D 373 -17.09 -14.04 3.05
C ASP D 373 -16.96 -14.07 4.54
N SER D 374 -17.44 -13.03 5.23
CA SER D 374 -17.35 -12.98 6.69
C SER D 374 -18.56 -12.40 7.36
N ILE D 375 -18.79 -12.85 8.57
CA ILE D 375 -19.92 -12.39 9.36
C ILE D 375 -19.55 -12.28 10.85
N ASN D 376 -20.43 -11.62 11.58
CA ASN D 376 -20.32 -11.44 13.02
C ASN D 376 -21.61 -10.66 13.31
N VAL D 377 -21.91 -10.47 14.59
CA VAL D 377 -23.11 -9.74 15.02
C VAL D 377 -22.79 -8.80 16.17
N SER D 378 -23.64 -7.79 16.36
CA SER D 378 -23.46 -6.85 17.47
C SER D 378 -24.03 -7.52 18.73
N GLN D 379 -23.41 -7.31 19.89
CA GLN D 379 -23.88 -7.95 21.12
C GLN D 379 -25.05 -7.26 21.86
N ASP D 380 -25.55 -6.18 21.28
CA ASP D 380 -26.67 -5.48 21.91
C ASP D 380 -27.86 -6.43 21.87
N ALA D 381 -28.89 -6.11 22.64
CA ALA D 381 -30.06 -6.97 22.67
C ALA D 381 -30.79 -7.15 21.32
N GLU D 382 -30.73 -6.16 20.44
CA GLU D 382 -31.37 -6.28 19.13
C GLU D 382 -30.23 -6.24 18.14
N PRO D 383 -29.40 -7.29 18.17
CA PRO D 383 -28.23 -7.46 17.31
C PRO D 383 -28.40 -7.19 15.84
N LEU D 384 -27.29 -6.84 15.22
CA LEU D 384 -27.25 -6.58 13.81
C LEU D 384 -26.40 -7.73 13.30
N LEU D 385 -26.64 -8.11 12.05
CA LEU D 385 -25.89 -9.19 11.44
C LEU D 385 -24.94 -8.58 10.42
N TYR D 386 -23.63 -8.72 10.63
CA TYR D 386 -22.69 -8.13 9.69
C TYR D 386 -22.28 -9.11 8.60
N ALA D 387 -22.42 -8.69 7.36
CA ALA D 387 -22.07 -9.56 6.25
C ALA D 387 -21.17 -8.75 5.36
N LEU D 388 -19.91 -9.18 5.29
CA LEU D 388 -18.86 -8.51 4.55
C LEU D 388 -18.40 -9.32 3.32
N SER D 389 -18.16 -8.61 2.23
CA SER D 389 -17.74 -9.23 1.00
C SER D 389 -16.41 -8.65 0.56
N ALA D 390 -15.37 -9.47 0.58
CA ALA D 390 -14.05 -8.98 0.17
C ALA D 390 -14.03 -8.82 -1.35
N GLY D 391 -14.91 -9.55 -2.03
CA GLY D 391 -15.00 -9.48 -3.48
C GLY D 391 -15.48 -8.14 -4.03
N THR D 392 -16.28 -7.42 -3.25
CA THR D 392 -16.80 -6.12 -3.67
C THR D 392 -16.42 -5.03 -2.65
N GLN D 393 -15.64 -5.44 -1.64
CA GLN D 393 -15.20 -4.54 -0.58
C GLN D 393 -16.40 -3.77 -0.04
N THR D 394 -17.48 -4.50 0.21
CA THR D 394 -18.70 -3.90 0.70
C THR D 394 -19.23 -4.59 1.93
N LEU D 395 -19.62 -3.82 2.94
CA LEU D 395 -20.19 -4.44 4.13
C LEU D 395 -21.72 -4.33 4.02
N HIS D 396 -22.42 -5.42 4.36
CA HIS D 396 -23.88 -5.45 4.32
C HIS D 396 -24.42 -5.59 5.74
N ILE D 397 -25.43 -4.80 6.08
CA ILE D 397 -25.99 -4.84 7.42
C ILE D 397 -27.47 -5.21 7.43
N TYR D 398 -27.77 -6.28 8.19
CA TYR D 398 -29.12 -6.82 8.32
C TYR D 398 -29.64 -6.84 9.73
N ASP D 399 -30.96 -6.96 9.84
CA ASP D 399 -31.60 -7.08 11.15
C ASP D 399 -31.45 -8.54 11.50
N ALA D 400 -30.77 -8.83 12.60
CA ALA D 400 -30.55 -10.20 13.02
C ALA D 400 -31.84 -11.01 13.12
N ALA D 401 -32.90 -10.39 13.66
CA ALA D 401 -34.16 -11.06 13.82
C ALA D 401 -34.91 -11.32 12.50
N THR D 402 -35.00 -10.32 11.63
CA THR D 402 -35.73 -10.52 10.39
C THR D 402 -34.90 -11.04 9.22
N GLY D 403 -33.59 -10.80 9.24
CA GLY D 403 -32.72 -11.23 8.16
C GLY D 403 -32.78 -10.34 6.91
N GLU D 404 -33.37 -9.17 7.05
CA GLU D 404 -33.48 -8.26 5.91
C GLU D 404 -32.30 -7.30 5.89
N GLU D 405 -31.91 -6.84 4.72
CA GLU D 405 -30.79 -5.89 4.61
C GLU D 405 -31.24 -4.44 4.85
N LEU D 406 -30.59 -3.79 5.81
CA LEU D 406 -30.92 -2.42 6.14
C LEU D 406 -30.07 -1.39 5.40
N ARG D 407 -28.78 -1.67 5.23
CA ARG D 407 -27.89 -0.71 4.58
C ARG D 407 -26.55 -1.37 4.28
N SER D 408 -25.82 -0.76 3.36
CA SER D 408 -24.51 -1.26 3.00
C SER D 408 -23.49 -0.14 3.08
N VAL D 409 -22.24 -0.52 3.18
CA VAL D 409 -21.17 0.46 3.24
C VAL D 409 -20.07 -0.14 2.36
N ASP D 410 -19.78 0.54 1.26
CA ASP D 410 -18.79 0.02 0.33
C ASP D 410 -17.44 0.75 0.34
N GLN D 411 -16.61 0.46 -0.65
CA GLN D 411 -15.28 1.04 -0.82
C GLN D 411 -14.37 0.85 0.38
N LEU D 412 -14.45 -0.34 0.96
CA LEU D 412 -13.64 -0.65 2.12
C LEU D 412 -12.38 -1.41 1.73
N GLY D 413 -11.36 -0.69 1.29
CA GLY D 413 -10.12 -1.36 0.93
C GLY D 413 -10.12 -2.21 -0.33
N ARG D 414 -9.25 -3.22 -0.33
CA ARG D 414 -9.08 -4.14 -1.46
C ARG D 414 -9.72 -5.51 -1.26
N GLY D 415 -9.81 -5.94 0.00
CA GLY D 415 -10.40 -7.23 0.32
C GLY D 415 -10.72 -7.33 1.80
N PRO D 416 -11.65 -6.51 2.29
CA PRO D 416 -12.00 -6.55 3.72
C PRO D 416 -12.43 -7.95 4.13
N GLN D 417 -11.87 -8.42 5.26
CA GLN D 417 -12.10 -9.77 5.79
C GLN D 417 -12.40 -10.03 7.29
N ILE D 418 -12.01 -9.13 8.19
CA ILE D 418 -12.25 -9.36 9.62
C ILE D 418 -13.20 -8.36 10.25
N ILE D 419 -14.15 -8.87 11.02
CA ILE D 419 -15.12 -7.99 11.69
C ILE D 419 -14.91 -8.08 13.18
N THR D 420 -14.92 -6.95 13.86
CA THR D 420 -14.72 -6.94 15.30
C THR D 420 -15.69 -5.95 15.91
N THR D 421 -16.06 -6.21 17.16
CA THR D 421 -17.01 -5.37 17.86
C THR D 421 -16.60 -5.31 19.33
N HIS D 422 -17.36 -4.53 20.10
CA HIS D 422 -17.17 -4.42 21.54
C HIS D 422 -18.39 -5.15 22.15
N ASP D 423 -18.16 -5.94 23.19
CA ASP D 423 -19.25 -6.60 23.89
C ASP D 423 -19.34 -5.77 25.16
N MET D 424 -20.12 -4.70 25.12
CA MET D 424 -20.23 -3.81 26.27
C MET D 424 -21.67 -3.57 26.65
N ASP D 425 -22.56 -3.80 25.70
CA ASP D 425 -24.00 -3.59 25.91
C ASP D 425 -24.42 -3.76 27.38
N SER D 426 -24.51 -5.01 27.84
CA SER D 426 -24.92 -5.32 29.21
C SER D 426 -23.72 -5.36 30.17
N VAL E 64 -17.15 -19.75 -13.21
CA VAL E 64 -18.39 -19.01 -13.06
C VAL E 64 -19.01 -19.26 -11.69
N ASP E 65 -19.13 -20.55 -11.28
CA ASP E 65 -19.69 -20.88 -9.96
C ASP E 65 -18.53 -21.13 -8.99
N PRO E 66 -18.24 -20.13 -8.15
CA PRO E 66 -17.16 -20.20 -7.18
C PRO E 66 -17.30 -21.38 -6.24
N ARG E 67 -18.51 -21.92 -6.15
CA ARG E 67 -18.77 -23.05 -5.27
C ARG E 67 -18.74 -24.42 -5.97
N ALA E 68 -18.46 -24.43 -7.27
CA ALA E 68 -18.40 -25.66 -8.07
C ALA E 68 -17.00 -26.31 -8.04
N LYS E 69 -16.94 -27.61 -8.31
CA LYS E 69 -15.69 -28.37 -8.27
C LYS E 69 -14.58 -27.93 -9.25
N TRP E 70 -13.32 -28.09 -8.81
CA TRP E 70 -12.13 -27.72 -9.58
C TRP E 70 -12.07 -28.50 -10.90
N GLN E 71 -11.76 -27.80 -11.99
CA GLN E 71 -11.65 -28.41 -13.31
C GLN E 71 -10.31 -27.97 -13.90
N PRO E 72 -9.25 -28.74 -13.63
CA PRO E 72 -7.89 -28.45 -14.10
C PRO E 72 -7.60 -28.51 -15.60
N GLN E 73 -6.72 -27.62 -16.04
CA GLN E 73 -6.26 -27.58 -17.43
C GLN E 73 -4.73 -27.56 -17.44
N ASP E 74 -4.16 -27.79 -18.61
CA ASP E 74 -2.72 -27.78 -18.75
C ASP E 74 -2.44 -27.08 -20.07
N ASN E 75 -3.06 -25.91 -20.26
CA ASN E 75 -2.90 -25.17 -21.49
C ASN E 75 -2.57 -23.69 -21.30
N ASP E 76 -2.67 -23.23 -20.05
CA ASP E 76 -2.41 -21.83 -19.72
C ASP E 76 -1.92 -21.68 -18.26
N ILE E 77 -0.60 -21.60 -18.06
CA ILE E 77 -0.09 -21.48 -16.69
C ILE E 77 -0.50 -20.21 -15.94
N GLN E 78 -1.03 -19.20 -16.66
CA GLN E 78 -1.47 -17.96 -16.04
C GLN E 78 -2.98 -17.91 -15.72
N ALA E 79 -3.65 -19.06 -15.76
CA ALA E 79 -5.06 -19.13 -15.46
C ALA E 79 -5.17 -19.86 -14.13
N CYS E 80 -5.94 -19.28 -13.21
CA CYS E 80 -6.08 -19.86 -11.86
C CYS E 80 -6.40 -21.36 -11.86
N ASP E 81 -6.95 -21.87 -12.95
CA ASP E 81 -7.29 -23.28 -13.03
C ASP E 81 -6.23 -24.18 -13.68
N TYR E 82 -5.05 -23.62 -13.96
CA TYR E 82 -3.96 -24.43 -14.48
C TYR E 82 -3.85 -25.53 -13.41
N TRP E 83 -3.41 -26.71 -13.80
CA TRP E 83 -3.41 -27.80 -12.84
C TRP E 83 -2.46 -27.81 -11.68
N ARG E 84 -1.33 -27.12 -11.78
CA ARG E 84 -0.40 -27.11 -10.66
C ARG E 84 -0.80 -26.11 -9.58
N HIS E 85 -1.83 -25.32 -9.86
CA HIS E 85 -2.28 -24.32 -8.92
C HIS E 85 -3.40 -24.76 -8.04
N CYS E 86 -3.70 -26.06 -8.08
CA CYS E 86 -4.81 -26.62 -7.30
C CYS E 86 -4.83 -26.23 -5.81
N SER E 87 -3.79 -25.58 -5.33
CA SER E 87 -3.77 -25.16 -3.93
C SER E 87 -2.89 -23.94 -3.72
N ILE E 88 -2.95 -23.04 -4.68
CA ILE E 88 -2.18 -21.82 -4.61
C ILE E 88 -3.00 -20.70 -3.94
N ASP E 89 -2.32 -19.88 -3.16
CA ASP E 89 -2.98 -18.78 -2.53
C ASP E 89 -2.12 -17.56 -2.80
N GLY E 90 -2.71 -16.56 -3.45
CA GLY E 90 -1.98 -15.34 -3.73
C GLY E 90 -1.98 -14.96 -5.19
N ASN E 91 -0.78 -14.88 -5.74
CA ASN E 91 -0.55 -14.47 -7.11
C ASN E 91 0.44 -15.41 -7.79
N ILE E 92 0.30 -15.57 -9.11
CA ILE E 92 1.14 -16.46 -9.93
C ILE E 92 2.39 -15.73 -10.34
N CYS E 93 3.55 -16.18 -9.90
CA CYS E 93 4.81 -15.51 -10.24
C CYS E 93 5.09 -15.32 -11.74
N ASP E 94 4.46 -16.14 -12.59
CA ASP E 94 4.71 -16.00 -14.03
C ASP E 94 4.25 -14.64 -14.56
N CYS E 95 3.24 -14.08 -13.90
CA CYS E 95 2.69 -12.79 -14.31
C CYS E 95 3.40 -11.55 -13.80
N SER E 96 4.57 -11.70 -13.17
CA SER E 96 5.28 -10.52 -12.68
C SER E 96 6.80 -10.62 -12.76
N GLY E 97 7.29 -11.35 -13.77
CA GLY E 97 8.72 -11.43 -13.94
C GLY E 97 9.37 -12.76 -13.68
N GLY E 98 8.71 -13.59 -12.87
CA GLY E 98 9.20 -14.91 -12.62
C GLY E 98 8.67 -15.84 -13.71
N SER E 99 8.52 -17.10 -13.33
CA SER E 99 8.04 -18.11 -14.25
C SER E 99 7.21 -19.05 -13.41
N LEU E 100 6.71 -20.11 -14.00
CA LEU E 100 5.92 -21.07 -13.24
C LEU E 100 6.73 -21.61 -12.07
N THR E 101 8.03 -21.81 -12.28
CA THR E 101 8.86 -22.37 -11.24
C THR E 101 9.95 -21.46 -10.67
N ASN E 102 10.05 -20.24 -11.19
CA ASN E 102 11.07 -19.31 -10.73
C ASN E 102 10.55 -17.94 -10.27
N CYS E 103 11.33 -17.29 -9.42
CA CYS E 103 10.97 -15.99 -8.86
C CYS E 103 11.42 -14.84 -9.77
N PRO E 104 10.74 -13.68 -9.70
CA PRO E 104 11.07 -12.50 -10.51
C PRO E 104 12.30 -11.81 -9.94
N PRO E 105 13.03 -11.08 -10.79
CA PRO E 105 14.23 -10.40 -10.33
C PRO E 105 13.95 -9.53 -9.07
N GLY E 106 14.96 -9.38 -8.23
CA GLY E 106 14.82 -8.60 -7.03
C GLY E 106 14.10 -9.28 -5.86
N THR E 107 13.39 -10.38 -6.12
CA THR E 107 12.67 -11.05 -5.05
C THR E 107 13.44 -12.27 -4.52
N LYS E 108 13.00 -12.75 -3.36
CA LYS E 108 13.66 -13.84 -2.71
C LYS E 108 12.82 -15.13 -2.64
N LEU E 109 13.48 -16.23 -3.01
CA LEU E 109 12.95 -17.56 -3.07
C LEU E 109 12.91 -18.31 -1.74
N ALA E 110 11.70 -18.56 -1.26
CA ALA E 110 11.56 -19.31 -0.04
C ALA E 110 12.01 -20.72 -0.43
N THR E 111 12.38 -21.54 0.56
CA THR E 111 12.82 -22.93 0.30
C THR E 111 11.78 -23.88 0.86
N ALA E 112 10.89 -23.35 1.70
CA ALA E 112 9.86 -24.15 2.37
C ALA E 112 8.45 -23.71 2.03
N SER E 113 7.45 -24.52 2.33
CA SER E 113 6.13 -24.13 1.95
C SER E 113 5.06 -25.16 2.15
N TRQ E 114 3.83 -24.77 1.86
CA TRQ E 114 2.70 -25.68 1.94
C TRQ E 114 2.70 -26.44 0.61
O TRQ E 114 3.11 -25.91 -0.43
CB TRQ E 114 1.40 -24.90 2.17
CG TRQ E 114 0.95 -24.05 1.02
CD1 TRQ E 114 0.09 -24.44 0.01
NE1 TRQ E 114 -0.16 -23.39 -0.84
CE2 TRQ E 114 0.52 -22.28 -0.40
CZ2 TRQ E 114 0.57 -21.00 -0.94
CH2 TRQ E 114 1.36 -20.03 -0.29
CZ3 TRQ E 114 2.09 -20.36 0.89
CE3 TRQ E 114 2.04 -21.66 1.43
CD2 TRQ E 114 1.24 -22.64 0.78
O6 TRQ E 114 1.45 -18.86 -0.80
O7 TRQ E 114 0.11 -20.80 -2.10
N VAL E 115 2.29 -27.70 0.65
CA VAL E 115 2.28 -28.52 -0.56
C VAL E 115 0.87 -28.98 -0.83
N ALA E 116 0.71 -29.77 -1.88
CA ALA E 116 -0.60 -30.29 -2.24
C ALA E 116 -0.49 -31.23 -3.41
N SER E 117 -1.18 -32.35 -3.30
CA SER E 117 -1.18 -33.31 -4.37
C SER E 117 -2.20 -32.78 -5.39
N CYS E 118 -1.73 -32.61 -6.62
CA CYS E 118 -2.54 -32.06 -7.70
C CYS E 118 -2.52 -32.97 -8.89
N TYR E 119 -3.72 -33.24 -9.38
CA TYR E 119 -3.93 -34.10 -10.53
C TYR E 119 -3.59 -33.41 -11.85
N ASN E 120 -2.89 -34.13 -12.72
CA ASN E 120 -2.53 -33.62 -14.02
C ASN E 120 -3.35 -34.31 -15.12
N PRO E 121 -4.33 -33.60 -15.71
CA PRO E 121 -5.15 -34.18 -16.78
C PRO E 121 -4.38 -34.70 -17.99
N THR E 122 -3.22 -34.10 -18.27
CA THR E 122 -2.43 -34.54 -19.42
C THR E 122 -1.90 -35.97 -19.24
N ASP E 123 -1.40 -36.33 -18.05
CA ASP E 123 -0.89 -37.69 -17.86
C ASP E 123 -1.64 -38.57 -16.83
N GLY E 124 -2.78 -38.09 -16.35
CA GLY E 124 -3.55 -38.86 -15.39
C GLY E 124 -2.85 -39.03 -14.06
N GLN E 125 -1.59 -38.65 -13.99
CA GLN E 125 -0.81 -38.76 -12.75
C GLN E 125 -1.11 -37.67 -11.72
N SER E 126 -0.43 -37.75 -10.59
CA SER E 126 -0.60 -36.76 -9.54
C SER E 126 0.76 -36.48 -8.93
N TYR E 127 1.03 -35.20 -8.73
CA TYR E 127 2.30 -34.78 -8.18
C TYR E 127 2.14 -33.80 -7.06
N LEU E 128 3.12 -33.76 -6.19
CA LEU E 128 3.09 -32.88 -5.06
C LEU E 128 3.78 -31.62 -5.55
N ILE E 129 3.14 -30.49 -5.29
CA ILE E 129 3.66 -29.19 -5.68
C ILE E 129 4.06 -28.49 -4.40
N ALA E 130 5.22 -27.84 -4.42
CA ALA E 130 5.70 -27.12 -3.25
C ALA E 130 5.44 -25.66 -3.57
N TYR E 131 4.39 -25.11 -2.99
CA TYR E 131 4.02 -23.72 -3.22
C TYR E 131 4.90 -22.76 -2.44
N ARG E 132 6.14 -22.61 -2.89
CA ARG E 132 7.09 -21.72 -2.24
C ARG E 132 6.82 -20.31 -2.72
N ASP E 133 6.93 -19.36 -1.79
CA ASP E 133 6.67 -17.97 -2.11
C ASP E 133 7.90 -17.17 -2.56
N CYS E 134 7.62 -16.08 -3.28
CA CYS E 134 8.65 -15.18 -3.73
C CYS E 134 8.34 -13.98 -2.86
N CYS E 135 9.32 -13.62 -2.04
CA CYS E 135 9.18 -12.57 -1.06
C CYS E 135 10.17 -11.41 -1.23
N GLY E 136 9.89 -10.34 -0.50
CA GLY E 136 10.72 -9.15 -0.52
C GLY E 136 10.07 -8.00 -1.25
N TYR E 137 8.92 -8.26 -1.87
CA TYR E 137 8.18 -7.22 -2.61
C TYR E 137 6.77 -7.17 -2.09
N ASN E 138 6.07 -6.11 -2.45
CA ASN E 138 4.68 -5.94 -2.09
C ASN E 138 3.96 -6.89 -3.06
N VAL E 139 2.80 -7.40 -2.68
CA VAL E 139 2.10 -8.31 -3.55
C VAL E 139 1.99 -7.78 -5.00
N SER E 140 2.31 -8.65 -5.94
CA SER E 140 2.29 -8.32 -7.36
C SER E 140 0.97 -7.70 -7.83
N GLY E 141 -0.14 -8.19 -7.35
CA GLY E 141 -1.41 -7.65 -7.81
C GLY E 141 -1.81 -8.17 -9.22
N ARG E 142 -1.01 -9.07 -9.77
CA ARG E 142 -1.30 -9.64 -11.08
C ARG E 142 -1.63 -11.10 -10.93
N CYS E 143 -2.53 -11.60 -11.77
CA CYS E 143 -2.96 -12.98 -11.72
C CYS E 143 -3.18 -13.53 -10.32
N PRO E 144 -4.13 -12.91 -9.60
CA PRO E 144 -4.43 -13.37 -8.23
C PRO E 144 -5.28 -14.64 -8.40
N CYS E 145 -5.07 -15.59 -7.51
CA CYS E 145 -5.82 -16.85 -7.54
C CYS E 145 -5.93 -17.42 -6.11
N LEU E 146 -6.82 -18.38 -5.94
CA LEU E 146 -6.97 -19.07 -4.67
C LEU E 146 -7.67 -20.40 -4.94
N ASN E 147 -6.99 -21.49 -4.58
CA ASN E 147 -7.51 -22.82 -4.75
C ASN E 147 -7.25 -23.56 -3.46
N THR E 148 -8.12 -24.49 -3.10
CA THR E 148 -7.95 -25.21 -1.84
C THR E 148 -8.20 -26.73 -1.89
N GLU E 149 -7.70 -27.39 -2.94
CA GLU E 149 -7.87 -28.82 -3.05
C GLU E 149 -7.07 -29.48 -1.95
N GLY E 150 -7.77 -30.16 -1.04
CA GLY E 150 -7.12 -30.84 0.08
C GLY E 150 -6.50 -29.90 1.09
N GLU E 151 -6.78 -28.60 0.96
CA GLU E 151 -6.24 -27.61 1.86
C GLU E 151 -6.68 -27.93 3.32
N LEU E 152 -5.72 -27.99 4.24
CA LEU E 152 -6.02 -28.27 5.65
C LEU E 152 -5.97 -27.03 6.52
N PRO E 153 -6.56 -27.09 7.73
CA PRO E 153 -6.57 -25.96 8.66
C PRO E 153 -5.17 -25.80 9.24
N VAL E 154 -4.92 -24.62 9.80
CA VAL E 154 -3.65 -24.21 10.37
C VAL E 154 -2.94 -25.09 11.40
N TYR E 155 -3.66 -25.93 12.15
CA TYR E 155 -2.92 -26.80 13.07
C TYR E 155 -2.29 -27.95 12.28
N ARG E 156 -2.51 -27.96 10.96
CA ARG E 156 -1.93 -28.93 10.03
C ARG E 156 -1.22 -28.13 8.90
N PRO E 157 -0.31 -27.22 9.29
CA PRO E 157 0.42 -26.40 8.32
C PRO E 157 0.87 -26.97 6.98
N GLU E 158 1.52 -28.13 6.94
CA GLU E 158 1.97 -28.67 5.67
C GLU E 158 0.98 -28.51 4.52
N PHE E 159 -0.31 -28.35 4.83
CA PHE E 159 -1.32 -28.20 3.76
C PHE E 159 -2.16 -26.94 3.91
N ALA E 160 -1.73 -26.05 4.79
CA ALA E 160 -2.47 -24.82 5.02
C ALA E 160 -1.94 -23.66 4.15
N ASN E 161 -2.83 -23.04 3.35
CA ASN E 161 -2.37 -21.95 2.49
C ASN E 161 -2.69 -20.51 2.79
N ASP E 162 -2.98 -20.18 4.04
CA ASP E 162 -3.20 -18.77 4.37
C ASP E 162 -1.88 -18.36 4.99
N ILE E 163 -0.97 -19.30 5.10
CA ILE E 163 0.30 -18.96 5.75
C ILE E 163 1.26 -18.33 4.78
N ILE E 164 2.08 -17.42 5.27
CA ILE E 164 3.06 -16.78 4.39
C ILE E 164 4.31 -17.65 4.42
N TRP E 165 4.43 -18.45 3.36
CA TRP E 165 5.52 -19.41 3.18
C TRP E 165 6.79 -18.77 2.60
N CYS E 166 7.39 -17.86 3.37
CA CYS E 166 8.61 -17.17 2.95
C CYS E 166 9.86 -17.68 3.64
N PHE E 167 9.67 -18.67 4.50
CA PHE E 167 10.79 -19.22 5.26
C PHE E 167 11.98 -19.68 4.39
N GLY E 168 13.17 -19.23 4.73
CA GLY E 168 14.34 -19.65 3.97
C GLY E 168 14.71 -18.78 2.78
N ALA E 169 13.96 -17.72 2.52
CA ALA E 169 14.26 -16.81 1.42
C ALA E 169 15.49 -15.97 1.80
N GLU E 170 16.30 -15.62 0.80
CA GLU E 170 17.48 -14.83 1.04
C GLU E 170 17.18 -13.56 1.84
N ASP E 171 18.16 -13.09 2.58
CA ASP E 171 18.03 -11.86 3.37
C ASP E 171 16.78 -11.72 4.25
N ASP E 172 16.18 -12.83 4.63
CA ASP E 172 14.99 -12.84 5.51
C ASP E 172 13.69 -12.23 5.00
N ALA E 173 13.51 -12.19 3.70
CA ALA E 173 12.29 -11.61 3.16
C ALA E 173 11.07 -12.40 3.66
N MET E 174 10.12 -11.69 4.25
CA MET E 174 8.93 -12.34 4.75
C MET E 174 7.64 -11.81 4.17
N THR E 175 7.73 -10.88 3.22
CA THR E 175 6.53 -10.28 2.60
C THR E 175 6.08 -11.02 1.33
N TYR E 176 4.80 -11.30 1.24
CA TYR E 176 4.29 -12.00 0.06
C TYR E 176 4.28 -11.22 -1.26
N HIS E 177 4.87 -11.81 -2.29
CA HIS E 177 4.87 -11.21 -3.60
C HIS E 177 4.06 -12.05 -4.60
N CYS E 178 4.35 -13.35 -4.69
CA CYS E 178 3.64 -14.28 -5.57
C CYS E 178 4.09 -15.67 -5.17
N THR E 179 3.47 -16.69 -5.76
CA THR E 179 3.80 -18.07 -5.46
C THR E 179 4.25 -18.81 -6.73
N ILE E 180 5.19 -19.73 -6.62
CA ILE E 180 5.61 -20.56 -7.74
C ILE E 180 5.02 -21.97 -7.59
N SER E 181 4.86 -22.68 -8.72
CA SER E 181 4.26 -24.01 -8.67
C SER E 181 5.13 -25.16 -9.16
N PRO E 182 6.32 -25.35 -8.56
CA PRO E 182 7.22 -26.43 -8.95
C PRO E 182 6.76 -27.78 -8.40
N ILE E 183 7.18 -28.83 -9.08
CA ILE E 183 6.85 -30.19 -8.68
C ILE E 183 7.97 -30.67 -7.75
N VAL E 184 7.59 -31.31 -6.64
CA VAL E 184 8.55 -31.84 -5.71
C VAL E 184 8.78 -33.28 -6.14
N GLY E 185 7.84 -33.78 -6.94
CA GLY E 185 7.93 -35.14 -7.43
C GLY E 185 6.56 -35.77 -7.52
N LYS E 186 6.51 -37.08 -7.75
CA LYS E 186 5.21 -37.73 -7.83
C LYS E 186 4.61 -37.98 -6.46
N ALA E 187 3.37 -37.56 -6.31
CA ALA E 187 2.65 -37.72 -5.07
C ALA E 187 2.38 -39.20 -4.87
N SER E 188 1.54 -39.76 -5.76
CA SER E 188 1.17 -41.16 -5.73
C SER E 188 1.99 -41.89 -4.65
N GLN F 27 31.22 -19.90 14.13
CA GLN F 27 30.26 -19.88 12.98
C GLN F 27 29.80 -21.30 12.67
N ASP F 28 30.63 -22.28 13.05
CA ASP F 28 30.28 -23.67 12.79
C ASP F 28 30.94 -24.75 13.65
N LYS F 29 30.12 -25.34 14.52
CA LYS F 29 30.53 -26.44 15.39
C LYS F 29 30.14 -27.64 14.54
N ILE F 30 29.64 -27.34 13.34
CA ILE F 30 29.22 -28.36 12.40
C ILE F 30 29.87 -28.13 11.06
N THR F 31 29.89 -29.14 10.22
CA THR F 31 30.49 -29.00 8.91
C THR F 31 29.60 -29.71 7.91
N VAL F 32 28.93 -28.96 7.05
CA VAL F 32 28.08 -29.58 6.07
C VAL F 32 28.89 -29.97 4.85
N THR F 33 28.88 -31.26 4.57
CA THR F 33 29.58 -31.87 3.44
C THR F 33 29.16 -31.27 2.09
N SER F 34 27.87 -31.42 1.79
CA SER F 34 27.27 -30.95 0.55
C SER F 34 26.06 -30.05 0.83
N GLU F 35 25.84 -29.05 -0.03
CA GLU F 35 24.69 -28.17 0.16
C GLU F 35 23.43 -28.84 -0.34
N LYS F 36 23.57 -29.48 -1.50
CA LYS F 36 22.46 -30.19 -2.12
C LYS F 36 22.33 -31.59 -1.54
N PRO F 37 21.10 -32.03 -1.29
CA PRO F 37 20.82 -33.35 -0.74
C PRO F 37 21.47 -34.41 -1.60
N VAL F 38 21.82 -35.53 -0.97
CA VAL F 38 22.45 -36.65 -1.64
C VAL F 38 21.43 -37.78 -1.84
N ALA F 39 21.75 -38.73 -2.72
CA ALA F 39 20.88 -39.86 -3.00
C ALA F 39 20.96 -40.87 -1.88
N ALA F 40 19.82 -41.43 -1.50
CA ALA F 40 19.78 -42.41 -0.42
C ALA F 40 20.83 -43.50 -0.63
N ALA F 41 21.04 -43.88 -1.88
CA ALA F 41 21.99 -44.90 -2.23
C ALA F 41 23.45 -44.62 -1.86
N ASP F 42 23.86 -43.35 -1.96
CA ASP F 42 25.24 -42.98 -1.68
C ASP F 42 25.56 -42.88 -0.20
N VAL F 43 24.54 -43.01 0.64
CA VAL F 43 24.75 -42.96 2.07
C VAL F 43 25.55 -44.19 2.44
N PRO F 44 26.69 -44.00 3.12
CA PRO F 44 27.50 -45.15 3.51
C PRO F 44 26.66 -46.05 4.42
N ALA F 45 26.40 -47.27 3.96
CA ALA F 45 25.57 -48.24 4.67
C ALA F 45 26.05 -48.63 6.09
N ASP F 46 26.95 -47.82 6.65
CA ASP F 46 27.46 -48.09 7.97
C ASP F 46 27.40 -46.80 8.79
N ALA F 47 26.64 -45.82 8.31
CA ALA F 47 26.52 -44.54 8.99
C ALA F 47 25.29 -44.42 9.90
N VAL F 48 25.31 -43.40 10.76
CA VAL F 48 24.22 -43.11 11.69
C VAL F 48 23.12 -42.50 10.83
N VAL F 49 21.95 -43.12 10.83
CA VAL F 49 20.86 -42.67 9.98
C VAL F 49 19.54 -42.30 10.66
N VAL F 50 19.09 -41.06 10.46
CA VAL F 50 17.82 -40.67 11.04
C VAL F 50 16.78 -40.58 9.91
N GLY F 51 15.88 -41.55 9.89
CA GLY F 51 14.86 -41.58 8.88
C GLY F 51 13.80 -40.55 9.20
N ILE F 52 12.99 -40.25 8.20
CA ILE F 52 11.92 -39.29 8.31
C ILE F 52 10.75 -39.87 7.53
N GLU F 53 9.60 -39.90 8.18
CA GLU F 53 8.39 -40.38 7.55
C GLU F 53 7.24 -39.94 8.42
N LYS F 54 6.04 -40.08 7.89
CA LYS F 54 4.83 -39.70 8.57
C LYS F 54 4.95 -38.42 9.37
N MET F 55 5.69 -37.48 8.84
CA MET F 55 5.81 -36.19 9.46
C MET F 55 6.59 -36.18 10.75
N LYS F 56 7.54 -37.10 10.86
CA LYS F 56 8.37 -37.17 12.05
C LYS F 56 9.76 -37.64 11.73
N TYR F 57 10.69 -37.29 12.63
CA TYR F 57 12.07 -37.78 12.54
C TYR F 57 11.91 -39.08 13.32
N LEU F 58 11.95 -40.21 12.62
CA LEU F 58 11.76 -41.52 13.22
C LEU F 58 12.60 -41.87 14.43
N THR F 59 13.79 -41.27 14.51
CA THR F 59 14.66 -41.51 15.65
C THR F 59 14.93 -40.16 16.31
N PRO F 60 13.96 -39.69 17.09
CA PRO F 60 13.99 -38.42 17.82
C PRO F 60 15.34 -37.97 18.36
N GLU F 61 15.89 -38.74 19.30
CA GLU F 61 17.18 -38.42 19.89
C GLU F 61 18.20 -39.47 19.48
N VAL F 62 19.35 -38.99 19.02
CA VAL F 62 20.44 -39.81 18.55
C VAL F 62 21.70 -39.23 19.16
N THR F 63 22.61 -40.05 19.63
CA THR F 63 23.84 -39.49 20.21
C THR F 63 25.09 -40.09 19.54
N ILE F 64 26.05 -39.22 19.21
CA ILE F 64 27.30 -39.65 18.57
C ILE F 64 28.53 -39.15 19.30
N LYS F 65 29.64 -39.05 18.58
CA LYS F 65 30.90 -38.59 19.18
C LYS F 65 31.43 -37.39 18.40
N ALA F 66 32.10 -36.48 19.08
CA ALA F 66 32.64 -35.31 18.39
C ALA F 66 33.44 -35.71 17.17
N GLY F 67 33.05 -35.18 16.02
CA GLY F 67 33.77 -35.51 14.81
C GLY F 67 33.03 -36.46 13.90
N GLU F 68 31.97 -37.10 14.40
CA GLU F 68 31.23 -38.02 13.56
C GLU F 68 30.22 -37.31 12.65
N THR F 69 29.49 -38.10 11.86
CA THR F 69 28.53 -37.55 10.91
C THR F 69 27.19 -38.26 10.90
N VAL F 70 26.13 -37.48 11.08
CA VAL F 70 24.76 -37.99 11.07
C VAL F 70 24.11 -37.78 9.71
N TYR F 71 23.47 -38.79 9.16
CA TYR F 71 22.80 -38.63 7.87
C TYR F 71 21.31 -38.66 8.08
N TRP F 72 20.60 -37.74 7.45
CA TRP F 72 19.14 -37.74 7.55
C TRP F 72 18.58 -38.24 6.21
N VAL F 73 17.60 -39.13 6.27
CA VAL F 73 17.03 -39.69 5.05
C VAL F 73 15.51 -39.53 5.03
N ASN F 74 15.00 -38.89 4.00
CA ASN F 74 13.56 -38.70 3.93
C ASN F 74 12.95 -39.79 3.09
N GLY F 75 12.03 -40.52 3.71
CA GLY F 75 11.38 -41.63 3.04
C GLY F 75 10.11 -41.28 2.30
N GLU F 76 9.64 -40.04 2.41
CA GLU F 76 8.40 -39.68 1.70
C GLU F 76 8.64 -38.52 0.78
N VAL F 77 7.58 -38.14 0.06
CA VAL F 77 7.58 -37.01 -0.91
C VAL F 77 7.57 -35.67 -0.15
N MET F 78 6.84 -35.61 0.97
CA MET F 78 6.74 -34.38 1.74
C MET F 78 8.13 -33.82 1.97
N PRO F 79 8.36 -32.58 1.50
CA PRO F 79 9.69 -32.01 1.68
C PRO F 79 9.97 -31.77 3.15
N HIS F 80 11.18 -32.08 3.57
CA HIS F 80 11.60 -31.92 4.96
C HIS F 80 13.09 -31.56 5.00
N ASN F 81 13.53 -31.03 6.13
CA ASN F 81 14.94 -30.66 6.27
C ASN F 81 15.34 -30.57 7.74
N VAL F 82 16.60 -30.22 7.98
CA VAL F 82 17.09 -30.06 9.33
C VAL F 82 17.40 -28.58 9.48
N ALA F 83 17.01 -28.02 10.62
CA ALA F 83 17.22 -26.62 10.90
C ALA F 83 17.52 -26.37 12.38
N PHE F 84 18.24 -25.29 12.67
CA PHE F 84 18.54 -24.95 14.05
C PHE F 84 18.24 -23.45 14.25
N LYS F 85 17.82 -23.07 15.45
CA LYS F 85 17.57 -21.66 15.75
C LYS F 85 18.94 -21.01 15.94
N LYS F 86 18.97 -19.70 16.07
CA LYS F 86 20.24 -19.04 16.25
C LYS F 86 20.82 -19.39 17.62
N GLY F 87 22.15 -19.43 17.71
CA GLY F 87 22.81 -19.75 18.96
C GLY F 87 22.92 -21.23 19.30
N ILE F 88 22.24 -22.10 18.57
CA ILE F 88 22.33 -23.51 18.87
C ILE F 88 23.61 -24.12 18.29
N VAL F 89 23.72 -24.05 16.98
CA VAL F 89 24.86 -24.59 16.28
C VAL F 89 25.87 -23.47 15.99
N GLY F 90 25.68 -22.35 16.68
CA GLY F 90 26.53 -21.16 16.54
C GLY F 90 25.67 -19.91 16.66
N GLU F 91 26.28 -18.72 16.67
CA GLU F 91 25.52 -17.45 16.80
C GLU F 91 24.42 -17.30 15.74
N ASP F 92 24.78 -17.58 14.49
CA ASP F 92 23.86 -17.51 13.34
C ASP F 92 22.99 -18.75 13.24
N ALA F 93 21.70 -18.58 12.97
CA ALA F 93 20.79 -19.71 12.81
C ALA F 93 21.19 -20.52 11.56
N PHE F 94 20.95 -21.83 11.55
CA PHE F 94 21.30 -22.65 10.39
C PHE F 94 20.11 -23.42 9.79
N ARG F 95 20.08 -23.50 8.46
CA ARG F 95 18.98 -24.16 7.75
C ARG F 95 19.46 -25.06 6.61
N GLY F 96 19.38 -26.36 6.81
CA GLY F 96 19.83 -27.26 5.76
C GLY F 96 18.93 -27.16 4.56
N GLU F 97 19.33 -27.76 3.46
CA GLU F 97 18.46 -27.69 2.31
C GLU F 97 17.36 -28.70 2.48
N MET F 98 16.36 -28.60 1.62
CA MET F 98 15.23 -29.53 1.69
C MET F 98 15.55 -30.85 1.04
N MET F 99 14.82 -31.89 1.48
CA MET F 99 14.94 -33.26 0.95
C MET F 99 13.54 -33.76 0.53
N THR F 100 13.46 -34.42 -0.63
CA THR F 100 12.20 -35.03 -1.03
C THR F 100 12.43 -36.55 -0.88
N LYS F 101 11.50 -37.40 -1.33
CA LYS F 101 11.62 -38.86 -1.18
C LYS F 101 12.97 -39.49 -1.61
N ASP F 102 13.55 -40.29 -0.71
CA ASP F 102 14.80 -41.00 -0.97
C ASP F 102 16.02 -40.10 -1.17
N GLN F 103 16.06 -39.02 -0.40
CA GLN F 103 17.19 -38.11 -0.46
C GLN F 103 17.72 -38.00 0.93
N ALA F 104 18.99 -37.59 1.05
CA ALA F 104 19.60 -37.49 2.36
C ALA F 104 20.39 -36.21 2.53
N TYR F 105 20.68 -35.88 3.77
CA TYR F 105 21.44 -34.68 4.05
C TYR F 105 22.32 -35.00 5.26
N ALA F 106 23.58 -34.59 5.20
CA ALA F 106 24.53 -34.89 6.29
C ALA F 106 25.15 -33.73 7.03
N ILE F 107 25.27 -33.88 8.34
CA ILE F 107 25.92 -32.86 9.15
C ILE F 107 26.95 -33.56 10.05
N THR F 108 28.13 -32.98 10.14
CA THR F 108 29.19 -33.50 10.97
C THR F 108 29.23 -32.56 12.14
N PHE F 109 29.10 -33.13 13.34
CA PHE F 109 29.14 -32.33 14.56
C PHE F 109 30.55 -32.37 15.10
N ASN F 110 31.24 -31.23 15.04
CA ASN F 110 32.62 -31.18 15.49
C ASN F 110 32.83 -30.84 16.95
N GLU F 111 31.74 -30.60 17.69
CA GLU F 111 31.84 -30.26 19.12
C GLU F 111 30.90 -31.01 20.05
N ALA F 112 31.38 -31.29 21.26
CA ALA F 112 30.55 -31.98 22.24
C ALA F 112 29.45 -30.99 22.61
N GLY F 113 28.22 -31.48 22.75
CA GLY F 113 27.12 -30.61 23.10
C GLY F 113 25.78 -31.22 22.77
N SER F 114 24.71 -30.51 23.12
CA SER F 114 23.37 -31.01 22.83
C SER F 114 22.63 -30.05 21.90
N TYR F 115 22.62 -30.46 20.64
CA TYR F 115 22.03 -29.70 19.54
C TYR F 115 20.59 -30.08 19.19
N ASP F 116 19.65 -29.21 19.54
CA ASP F 116 18.22 -29.41 19.24
C ASP F 116 17.97 -28.88 17.84
N TYR F 117 17.05 -29.50 17.10
CA TYR F 117 16.75 -29.10 15.73
C TYR F 117 15.28 -29.28 15.38
N PHE F 118 14.86 -28.74 14.23
CA PHE F 118 13.47 -28.84 13.82
C PHE F 118 13.35 -28.77 12.33
N CYS F 119 12.13 -28.88 11.82
CA CYS F 119 11.92 -28.80 10.39
C CYS F 119 11.48 -27.36 10.08
N THR F 120 12.13 -26.77 9.08
CA THR F 120 11.84 -25.38 8.75
C THR F 120 10.37 -25.02 8.62
N PRO F 121 9.65 -25.62 7.64
CA PRO F 121 8.23 -25.35 7.43
C PRO F 121 7.35 -26.09 8.44
N HIS F 122 7.92 -27.15 9.03
CA HIS F 122 7.22 -27.97 10.00
C HIS F 122 7.85 -27.86 11.43
N PRO F 123 7.55 -26.77 12.17
CA PRO F 123 8.04 -26.47 13.53
C PRO F 123 7.64 -27.55 14.55
N PHE F 124 6.59 -28.29 14.23
CA PHE F 124 6.13 -29.33 15.11
C PHE F 124 7.00 -30.59 14.96
N MET F 125 8.04 -30.51 14.15
CA MET F 125 8.95 -31.65 13.98
C MET F 125 10.30 -31.34 14.63
N ARG F 126 10.65 -32.04 15.70
CA ARG F 126 11.92 -31.79 16.36
C ARG F 126 12.66 -33.07 16.67
N GLY F 127 13.94 -32.92 16.91
CA GLY F 127 14.78 -34.05 17.24
C GLY F 127 16.06 -33.48 17.81
N LYS F 128 16.98 -34.35 18.19
CA LYS F 128 18.24 -33.82 18.70
C LYS F 128 19.43 -34.70 18.43
N VAL F 129 20.60 -34.10 18.59
CA VAL F 129 21.84 -34.77 18.35
C VAL F 129 22.74 -34.52 19.55
N ILE F 130 22.90 -35.52 20.39
CA ILE F 130 23.78 -35.35 21.52
C ILE F 130 25.13 -35.82 21.01
N VAL F 131 26.11 -34.93 21.12
CA VAL F 131 27.48 -35.21 20.70
C VAL F 131 28.35 -35.31 21.93
N GLU F 132 29.20 -36.33 21.95
CA GLU F 132 30.11 -36.54 23.09
C GLU F 132 31.55 -36.70 22.57
CU CU G . 0.88 33.56 0.28
CU CU H . 9.28 -31.28 7.76
#